data_1ZRW
#
_entry.id   1ZRW
#
_entity_poly.entity_id   1
_entity_poly.type   'polypeptide(L)'
_entity_poly.pdbx_seq_one_letter_code
;HVDKKVADKVLLLKQLRIMRLLTRL
;
_entity_poly.pdbx_strand_id   A
#
# COMPACT_ATOMS: atom_id res chain seq x y z
N HIS A 1 3.10 10.93 16.20
CA HIS A 1 3.52 11.64 14.98
C HIS A 1 2.60 11.32 13.81
N VAL A 2 1.30 11.37 14.08
CA VAL A 2 0.29 11.07 13.07
C VAL A 2 0.06 12.25 12.13
N ASP A 3 0.98 12.44 11.17
CA ASP A 3 0.84 13.54 10.21
C ASP A 3 -0.50 13.47 9.50
N LYS A 4 -0.64 12.46 8.66
CA LYS A 4 -1.86 12.22 7.89
C LYS A 4 -1.65 11.00 7.01
N LYS A 5 -2.71 10.22 6.78
CA LYS A 5 -2.61 9.03 5.96
C LYS A 5 -1.53 8.11 6.54
N VAL A 6 -1.41 8.15 7.86
CA VAL A 6 -0.44 7.36 8.59
C VAL A 6 -0.80 5.88 8.61
N ALA A 7 -1.00 5.32 7.42
CA ALA A 7 -1.36 3.91 7.28
C ALA A 7 -1.17 3.45 5.85
N ASP A 8 -1.62 4.28 4.91
CA ASP A 8 -1.50 3.97 3.48
C ASP A 8 -0.12 3.41 3.16
N LYS A 9 0.90 4.08 3.65
CA LYS A 9 2.28 3.66 3.43
C LYS A 9 2.43 2.18 3.74
N VAL A 10 1.81 1.76 4.84
CA VAL A 10 1.86 0.36 5.24
C VAL A 10 1.12 -0.49 4.24
N LEU A 11 -0.04 -0.01 3.79
CA LEU A 11 -0.84 -0.73 2.83
C LEU A 11 -0.07 -0.95 1.54
N LEU A 12 0.52 0.11 0.99
CA LEU A 12 1.28 0.00 -0.24
C LEU A 12 2.52 -0.89 -0.04
N LEU A 13 3.14 -0.77 1.13
CA LEU A 13 4.33 -1.57 1.44
C LEU A 13 3.98 -3.05 1.54
N LYS A 14 2.90 -3.36 2.25
CA LYS A 14 2.48 -4.74 2.44
C LYS A 14 1.77 -5.26 1.19
N GLN A 15 0.76 -4.53 0.74
CA GLN A 15 -0.01 -4.90 -0.44
C GLN A 15 0.84 -4.85 -1.69
N LEU A 16 1.96 -4.11 -1.63
CA LEU A 16 2.88 -3.94 -2.76
C LEU A 16 2.60 -4.92 -3.90
N ARG A 17 2.79 -6.21 -3.63
CA ARG A 17 2.54 -7.23 -4.64
C ARG A 17 1.10 -7.15 -5.12
N ILE A 18 0.16 -7.34 -4.20
CA ILE A 18 -1.25 -7.27 -4.52
C ILE A 18 -1.55 -6.01 -5.34
N MET A 19 -0.86 -4.93 -4.98
CA MET A 19 -1.04 -3.65 -5.65
C MET A 19 -0.61 -3.73 -7.11
N ARG A 20 0.65 -4.12 -7.35
CA ARG A 20 1.15 -4.19 -8.73
C ARG A 20 0.31 -5.18 -9.53
N LEU A 21 -0.10 -6.28 -8.89
CA LEU A 21 -0.93 -7.27 -9.58
C LEU A 21 -2.28 -6.67 -9.93
N LEU A 22 -2.89 -6.02 -8.95
CA LEU A 22 -4.19 -5.39 -9.16
C LEU A 22 -4.07 -4.28 -10.19
N THR A 23 -3.28 -3.28 -9.87
CA THR A 23 -3.03 -2.16 -10.76
C THR A 23 -2.02 -2.59 -11.82
N ARG A 24 -0.96 -1.79 -11.99
CA ARG A 24 0.10 -2.09 -12.94
C ARG A 24 1.37 -1.35 -12.56
N LEU A 25 1.23 -0.07 -12.24
CA LEU A 25 2.36 0.76 -11.84
C LEU A 25 1.87 1.98 -11.08
N HIS A 1 7.49 12.10 10.81
CA HIS A 1 6.74 13.36 10.57
C HIS A 1 5.23 13.12 10.68
N VAL A 2 4.59 13.84 11.59
CA VAL A 2 3.15 13.71 11.78
C VAL A 2 2.41 14.31 10.59
N ASP A 3 1.58 13.49 9.94
CA ASP A 3 0.82 13.93 8.78
C ASP A 3 -0.14 12.83 8.33
N LYS A 4 -0.71 12.13 9.31
CA LYS A 4 -1.64 11.04 9.03
C LYS A 4 -1.00 10.07 8.04
N LYS A 5 -1.82 9.24 7.39
CA LYS A 5 -1.32 8.28 6.42
C LYS A 5 -0.22 7.41 7.02
N VAL A 6 -0.09 7.44 8.34
CA VAL A 6 0.91 6.64 9.05
C VAL A 6 0.51 5.17 9.08
N ALA A 7 -0.12 4.72 8.02
CA ALA A 7 -0.56 3.34 7.88
C ALA A 7 -1.08 3.11 6.47
N ASP A 8 -1.89 4.05 5.98
CA ASP A 8 -2.45 3.97 4.64
C ASP A 8 -1.35 3.66 3.64
N LYS A 9 -0.28 4.44 3.69
CA LYS A 9 0.85 4.25 2.78
C LYS A 9 1.49 2.89 3.06
N VAL A 10 1.66 2.58 4.34
CA VAL A 10 2.26 1.31 4.75
C VAL A 10 1.47 0.16 4.13
N LEU A 11 0.16 0.30 4.14
CA LEU A 11 -0.71 -0.71 3.54
C LEU A 11 -0.31 -0.92 2.09
N LEU A 12 -0.13 0.19 1.39
CA LEU A 12 0.29 0.16 0.00
C LEU A 12 1.64 -0.53 -0.10
N LEU A 13 2.50 -0.28 0.88
CA LEU A 13 3.82 -0.90 0.91
C LEU A 13 3.69 -2.41 1.05
N LYS A 14 2.84 -2.84 1.97
CA LYS A 14 2.62 -4.27 2.18
C LYS A 14 1.99 -4.88 0.93
N GLN A 15 0.97 -4.20 0.43
CA GLN A 15 0.26 -4.62 -0.76
C GLN A 15 1.14 -4.48 -2.00
N LEU A 16 2.15 -3.63 -1.89
CA LEU A 16 3.08 -3.37 -3.00
C LEU A 16 3.34 -4.61 -3.83
N ARG A 17 3.78 -5.69 -3.18
CA ARG A 17 4.08 -6.93 -3.87
C ARG A 17 2.86 -7.48 -4.61
N ILE A 18 1.68 -7.25 -4.05
CA ILE A 18 0.45 -7.74 -4.65
C ILE A 18 -0.10 -6.79 -5.72
N MET A 19 -0.30 -5.54 -5.32
CA MET A 19 -0.86 -4.52 -6.21
C MET A 19 -0.29 -4.58 -7.62
N ARG A 20 0.99 -4.93 -7.77
CA ARG A 20 1.59 -4.98 -9.10
C ARG A 20 0.67 -5.71 -10.08
N LEU A 21 -0.03 -6.72 -9.58
CA LEU A 21 -0.95 -7.49 -10.41
C LEU A 21 -1.99 -6.58 -11.05
N LEU A 22 -2.42 -5.57 -10.29
CA LEU A 22 -3.41 -4.63 -10.79
C LEU A 22 -2.86 -3.89 -12.00
N THR A 23 -1.59 -3.52 -11.92
CA THR A 23 -0.92 -2.83 -13.01
C THR A 23 -0.53 -3.82 -14.10
N ARG A 24 -1.44 -4.74 -14.41
CA ARG A 24 -1.20 -5.75 -15.41
C ARG A 24 -2.52 -6.32 -15.91
N LEU A 25 -3.48 -5.43 -16.12
CA LEU A 25 -4.81 -5.82 -16.60
C LEU A 25 -5.46 -6.79 -15.62
N HIS A 1 3.56 13.94 14.27
CA HIS A 1 2.11 14.30 14.16
C HIS A 1 1.35 13.26 13.35
N VAL A 2 0.13 12.97 13.76
CA VAL A 2 -0.71 12.01 13.05
C VAL A 2 -1.25 12.65 11.77
N ASP A 3 -0.34 13.04 10.88
CA ASP A 3 -0.72 13.68 9.63
C ASP A 3 -1.88 12.93 8.98
N LYS A 4 -1.63 11.67 8.63
CA LYS A 4 -2.66 10.80 8.02
C LYS A 4 -2.02 9.54 7.47
N LYS A 5 -0.86 9.68 6.84
CA LYS A 5 -0.15 8.53 6.28
C LYS A 5 0.53 7.73 7.38
N VAL A 6 0.00 7.85 8.59
CA VAL A 6 0.53 7.13 9.74
C VAL A 6 0.14 5.66 9.69
N ALA A 7 0.22 5.09 8.50
CA ALA A 7 -0.10 3.69 8.27
C ALA A 7 0.02 3.38 6.80
N ASP A 8 -0.57 4.24 5.97
CA ASP A 8 -0.52 4.07 4.52
C ASP A 8 0.89 3.73 4.08
N LYS A 9 1.86 4.45 4.61
CA LYS A 9 3.27 4.22 4.26
C LYS A 9 3.59 2.74 4.37
N VAL A 10 3.06 2.09 5.40
CA VAL A 10 3.27 0.67 5.60
C VAL A 10 2.39 -0.11 4.62
N LEU A 11 1.14 0.31 4.54
CA LEU A 11 0.17 -0.33 3.65
C LEU A 11 0.75 -0.45 2.25
N LEU A 12 1.48 0.57 1.82
CA LEU A 12 2.12 0.56 0.50
C LEU A 12 2.76 -0.78 0.23
N LEU A 13 3.51 -1.28 1.21
CA LEU A 13 4.18 -2.56 1.08
C LEU A 13 3.21 -3.61 0.56
N LYS A 14 2.00 -3.59 1.08
CA LYS A 14 0.97 -4.52 0.65
C LYS A 14 0.42 -4.09 -0.70
N GLN A 15 0.19 -2.80 -0.84
CA GLN A 15 -0.31 -2.25 -2.09
C GLN A 15 0.58 -2.69 -3.24
N LEU A 16 1.86 -2.90 -2.94
CA LEU A 16 2.80 -3.34 -3.95
C LEU A 16 2.31 -4.62 -4.61
N ARG A 17 1.77 -5.52 -3.81
CA ARG A 17 1.24 -6.78 -4.31
C ARG A 17 -0.02 -6.53 -5.12
N ILE A 18 -0.91 -5.74 -4.56
CA ILE A 18 -2.16 -5.40 -5.22
C ILE A 18 -1.92 -4.69 -6.55
N MET A 19 -0.93 -3.80 -6.55
CA MET A 19 -0.57 -3.06 -7.75
C MET A 19 0.16 -3.94 -8.76
N ARG A 20 -0.36 -5.15 -8.93
CA ARG A 20 0.20 -6.10 -9.88
C ARG A 20 -0.68 -7.34 -9.90
N LEU A 21 -0.86 -7.95 -8.74
CA LEU A 21 -1.69 -9.13 -8.59
C LEU A 21 -3.17 -8.73 -8.57
N LEU A 22 -3.54 -7.82 -9.45
CA LEU A 22 -4.91 -7.33 -9.54
C LEU A 22 -5.04 -6.28 -10.63
N THR A 23 -3.99 -5.48 -10.79
CA THR A 23 -3.98 -4.40 -11.80
C THR A 23 -3.91 -4.94 -13.23
N ARG A 24 -4.46 -6.14 -13.44
CA ARG A 24 -4.48 -6.75 -14.76
C ARG A 24 -3.09 -6.82 -15.40
N LEU A 25 -2.05 -6.60 -14.59
CA LEU A 25 -0.69 -6.65 -15.09
C LEU A 25 -0.28 -8.09 -15.39
N HIS A 1 0.95 5.49 15.81
CA HIS A 1 0.51 5.61 14.40
C HIS A 1 -1.01 5.64 14.29
N VAL A 2 -1.65 6.37 15.21
CA VAL A 2 -3.11 6.50 15.21
C VAL A 2 -3.57 7.48 14.13
N ASP A 3 -3.08 7.26 12.92
CA ASP A 3 -3.41 8.10 11.78
C ASP A 3 -3.33 7.27 10.51
N LYS A 4 -4.18 7.58 9.54
CA LYS A 4 -4.22 6.83 8.28
C LYS A 4 -2.95 6.95 7.46
N LYS A 5 -2.39 8.14 7.36
CA LYS A 5 -1.17 8.33 6.58
C LYS A 5 0.00 7.58 7.19
N VAL A 6 0.13 7.68 8.51
CA VAL A 6 1.22 7.01 9.22
C VAL A 6 0.99 5.49 9.27
N ALA A 7 0.38 4.96 8.22
CA ALA A 7 0.10 3.54 8.11
C ALA A 7 -0.17 3.21 6.64
N ASP A 8 -1.12 3.91 6.07
CA ASP A 8 -1.47 3.73 4.67
C ASP A 8 -0.19 3.80 3.83
N LYS A 9 0.65 4.78 4.13
CA LYS A 9 1.90 4.93 3.41
C LYS A 9 2.71 3.65 3.54
N VAL A 10 2.65 3.03 4.73
CA VAL A 10 3.36 1.78 4.96
C VAL A 10 2.95 0.76 3.91
N LEU A 11 1.68 0.80 3.54
CA LEU A 11 1.16 -0.09 2.51
C LEU A 11 1.84 0.24 1.20
N LEU A 12 1.98 1.54 0.94
CA LEU A 12 2.63 2.02 -0.27
C LEU A 12 4.08 1.56 -0.31
N LEU A 13 4.72 1.54 0.85
CA LEU A 13 6.11 1.11 0.94
C LEU A 13 6.26 -0.28 0.36
N LYS A 14 5.27 -1.13 0.63
CA LYS A 14 5.27 -2.50 0.14
C LYS A 14 4.72 -2.58 -1.28
N GLN A 15 3.50 -2.07 -1.47
CA GLN A 15 2.85 -2.09 -2.78
C GLN A 15 2.87 -3.49 -3.40
N LEU A 16 3.11 -4.49 -2.56
CA LEU A 16 3.16 -5.87 -3.02
C LEU A 16 1.79 -6.28 -3.57
N ARG A 17 0.74 -5.98 -2.80
CA ARG A 17 -0.61 -6.32 -3.23
C ARG A 17 -0.88 -5.71 -4.61
N ILE A 18 -0.47 -4.47 -4.78
CA ILE A 18 -0.65 -3.80 -6.06
C ILE A 18 0.15 -4.55 -7.12
N MET A 19 1.41 -4.84 -6.79
CA MET A 19 2.29 -5.59 -7.67
C MET A 19 1.94 -7.07 -7.63
N ARG A 20 0.65 -7.34 -7.60
CA ARG A 20 0.12 -8.70 -7.56
C ARG A 20 -1.27 -8.68 -8.16
N LEU A 21 -2.12 -7.80 -7.64
CA LEU A 21 -3.47 -7.64 -8.16
C LEU A 21 -3.36 -7.22 -9.62
N LEU A 22 -2.39 -6.35 -9.87
CA LEU A 22 -2.11 -5.87 -11.21
C LEU A 22 -0.81 -6.50 -11.70
N THR A 23 -0.87 -7.21 -12.81
CA THR A 23 0.30 -7.89 -13.36
C THR A 23 -0.07 -8.63 -14.64
N ARG A 24 -1.21 -9.32 -14.61
CA ARG A 24 -1.69 -10.07 -15.76
C ARG A 24 -2.77 -9.28 -16.47
N LEU A 25 -2.59 -7.97 -16.50
CA LEU A 25 -3.54 -7.06 -17.15
C LEU A 25 -2.79 -5.96 -17.90
N HIS A 1 2.04 15.05 10.72
CA HIS A 1 2.93 13.86 10.86
C HIS A 1 2.08 12.61 11.01
N VAL A 2 1.29 12.56 12.08
CA VAL A 2 0.41 11.44 12.33
C VAL A 2 -0.84 11.57 11.45
N ASP A 3 -0.61 11.90 10.20
CA ASP A 3 -1.69 12.07 9.23
C ASP A 3 -1.48 11.10 8.07
N LYS A 4 -0.47 11.40 7.25
CA LYS A 4 -0.14 10.55 6.11
C LYS A 4 0.35 9.18 6.59
N LYS A 5 1.17 9.20 7.63
CA LYS A 5 1.74 7.99 8.20
C LYS A 5 0.64 7.03 8.69
N VAL A 6 -0.48 7.60 9.09
CA VAL A 6 -1.59 6.82 9.64
C VAL A 6 -2.21 5.83 8.64
N ALA A 7 -1.65 4.63 8.59
CA ALA A 7 -2.16 3.55 7.74
C ALA A 7 -1.93 3.78 6.26
N ASP A 8 -2.31 4.95 5.75
CA ASP A 8 -2.14 5.23 4.32
C ASP A 8 -0.81 4.66 3.83
N LYS A 9 0.20 4.76 4.69
CA LYS A 9 1.52 4.22 4.38
C LYS A 9 1.44 2.71 4.17
N VAL A 10 0.89 2.01 5.15
CA VAL A 10 0.75 0.57 5.07
C VAL A 10 -0.04 0.20 3.82
N LEU A 11 -1.14 0.90 3.64
CA LEU A 11 -1.99 0.70 2.48
C LEU A 11 -1.21 0.97 1.21
N LEU A 12 -0.35 1.98 1.25
CA LEU A 12 0.45 2.34 0.10
C LEU A 12 1.42 1.22 -0.27
N LEU A 13 2.33 0.91 0.66
CA LEU A 13 3.33 -0.12 0.43
C LEU A 13 2.69 -1.46 0.10
N LYS A 14 1.62 -1.81 0.81
CA LYS A 14 0.93 -3.07 0.57
C LYS A 14 0.16 -3.02 -0.74
N GLN A 15 -0.63 -1.97 -0.93
CA GLN A 15 -1.42 -1.82 -2.14
C GLN A 15 -0.52 -1.99 -3.36
N LEU A 16 0.69 -1.47 -3.28
CA LEU A 16 1.65 -1.60 -4.39
C LEU A 16 1.83 -3.08 -4.70
N ARG A 17 1.88 -3.89 -3.65
CA ARG A 17 2.04 -5.33 -3.80
C ARG A 17 0.74 -5.95 -4.29
N ILE A 18 -0.37 -5.52 -3.70
CA ILE A 18 -1.68 -6.02 -4.09
C ILE A 18 -1.91 -5.82 -5.57
N MET A 19 -1.68 -4.60 -6.04
CA MET A 19 -1.83 -4.29 -7.45
C MET A 19 -0.97 -5.23 -8.28
N ARG A 20 0.26 -5.45 -7.82
CA ARG A 20 1.19 -6.33 -8.49
C ARG A 20 1.20 -7.70 -7.81
N LEU A 21 0.05 -8.10 -7.29
CA LEU A 21 -0.08 -9.39 -6.61
C LEU A 21 0.41 -10.51 -7.53
N LEU A 22 0.18 -10.32 -8.81
CA LEU A 22 0.60 -11.27 -9.83
C LEU A 22 0.65 -10.56 -11.18
N THR A 23 -0.49 -9.98 -11.57
CA THR A 23 -0.57 -9.23 -12.82
C THR A 23 0.17 -9.95 -13.95
N ARG A 24 -0.32 -11.11 -14.33
CA ARG A 24 0.28 -11.87 -15.42
C ARG A 24 0.22 -11.07 -16.70
N LEU A 25 -0.93 -10.43 -16.92
CA LEU A 25 -1.17 -9.62 -18.11
C LEU A 25 -1.31 -10.49 -19.35
N HIS A 1 1.65 4.59 14.13
CA HIS A 1 2.08 6.02 14.19
C HIS A 1 3.55 6.13 14.55
N VAL A 2 4.25 7.08 13.95
CA VAL A 2 5.66 7.29 14.23
C VAL A 2 6.19 8.46 13.42
N ASP A 3 5.80 8.54 12.15
CA ASP A 3 6.24 9.61 11.27
C ASP A 3 5.14 10.03 10.29
N LYS A 4 3.89 9.97 10.75
CA LYS A 4 2.75 10.37 9.94
C LYS A 4 2.68 9.56 8.64
N LYS A 5 1.45 9.31 8.17
CA LYS A 5 1.24 8.55 6.93
C LYS A 5 1.74 7.12 7.08
N VAL A 6 2.38 6.83 8.21
CA VAL A 6 2.91 5.50 8.50
C VAL A 6 1.76 4.52 8.81
N ALA A 7 0.73 4.58 7.99
CA ALA A 7 -0.44 3.73 8.14
C ALA A 7 -1.25 3.77 6.86
N ASP A 8 -1.49 4.99 6.37
CA ASP A 8 -2.22 5.20 5.13
C ASP A 8 -1.54 4.42 4.01
N LYS A 9 -0.23 4.51 3.95
CA LYS A 9 0.55 3.81 2.95
C LYS A 9 0.66 2.33 3.33
N VAL A 10 0.78 2.09 4.63
CA VAL A 10 0.92 0.73 5.15
C VAL A 10 -0.24 -0.15 4.71
N LEU A 11 -1.46 0.36 4.79
CA LEU A 11 -2.63 -0.41 4.42
C LEU A 11 -2.66 -0.71 2.92
N LEU A 12 -2.25 0.23 2.10
CA LEU A 12 -2.27 0.03 0.66
C LEU A 12 -1.08 -0.81 0.18
N LEU A 13 0.10 -0.56 0.74
CA LEU A 13 1.27 -1.31 0.34
C LEU A 13 1.09 -2.80 0.58
N LYS A 14 0.32 -3.14 1.61
CA LYS A 14 0.09 -4.55 1.93
C LYS A 14 -0.99 -5.16 1.02
N GLN A 15 -1.31 -4.47 -0.06
CA GLN A 15 -2.32 -4.99 -1.00
C GLN A 15 -2.22 -4.28 -2.35
N LEU A 16 -2.39 -2.96 -2.35
CA LEU A 16 -2.32 -2.18 -3.58
C LEU A 16 -0.97 -2.39 -4.24
N ARG A 17 0.09 -2.29 -3.45
CA ARG A 17 1.44 -2.50 -3.97
C ARG A 17 1.60 -3.93 -4.43
N ILE A 18 1.19 -4.87 -3.57
CA ILE A 18 1.28 -6.29 -3.89
C ILE A 18 0.64 -6.57 -5.24
N MET A 19 -0.50 -5.92 -5.49
CA MET A 19 -1.23 -6.07 -6.74
C MET A 19 -0.27 -6.10 -7.93
N ARG A 20 0.83 -5.37 -7.83
CA ARG A 20 1.81 -5.30 -8.91
C ARG A 20 2.13 -6.70 -9.46
N LEU A 21 2.32 -7.65 -8.56
CA LEU A 21 2.64 -9.02 -8.95
C LEU A 21 1.48 -9.65 -9.72
N LEU A 22 0.27 -9.27 -9.35
CA LEU A 22 -0.93 -9.80 -10.00
C LEU A 22 -1.16 -9.15 -11.35
N THR A 23 -1.15 -7.83 -11.36
CA THR A 23 -1.36 -7.06 -12.59
C THR A 23 -0.25 -7.33 -13.60
N ARG A 24 0.95 -7.58 -13.08
CA ARG A 24 2.13 -7.87 -13.91
C ARG A 24 2.66 -6.58 -14.53
N LEU A 25 1.79 -5.84 -15.19
CA LEU A 25 2.18 -4.59 -15.84
C LEU A 25 3.29 -4.85 -16.85
N HIS A 1 -8.09 12.50 11.78
CA HIS A 1 -6.77 12.13 12.39
C HIS A 1 -6.77 10.67 12.82
N VAL A 2 -7.07 9.76 11.89
CA VAL A 2 -7.08 8.35 12.22
C VAL A 2 -5.79 7.97 12.94
N ASP A 3 -4.68 8.51 12.44
CA ASP A 3 -3.35 8.28 13.03
C ASP A 3 -2.28 8.89 12.13
N LYS A 4 -2.62 9.03 10.84
CA LYS A 4 -1.71 9.59 9.85
C LYS A 4 -0.64 8.57 9.48
N LYS A 5 -0.24 8.59 8.20
CA LYS A 5 0.76 7.68 7.64
C LYS A 5 0.28 6.22 7.66
N VAL A 6 -0.45 5.82 8.70
CA VAL A 6 -1.00 4.47 8.79
C VAL A 6 -2.21 4.34 7.87
N ALA A 7 -2.05 4.88 6.68
CA ALA A 7 -3.07 4.88 5.64
C ALA A 7 -2.39 5.30 4.35
N ASP A 8 -1.57 6.33 4.47
CA ASP A 8 -0.81 6.85 3.34
C ASP A 8 0.27 5.84 2.96
N LYS A 9 1.05 5.42 3.96
CA LYS A 9 2.12 4.46 3.75
C LYS A 9 1.57 3.19 3.10
N VAL A 10 0.49 2.67 3.66
CA VAL A 10 -0.14 1.47 3.14
C VAL A 10 -0.71 1.74 1.75
N LEU A 11 -1.46 2.83 1.61
CA LEU A 11 -2.07 3.18 0.33
C LEU A 11 -1.04 3.75 -0.64
N LEU A 12 0.15 3.17 -0.65
CA LEU A 12 1.21 3.59 -1.55
C LEU A 12 2.26 2.49 -1.65
N LEU A 13 2.72 1.99 -0.51
CA LEU A 13 3.68 0.90 -0.51
C LEU A 13 2.96 -0.42 -0.70
N LYS A 14 1.99 -0.67 0.17
CA LYS A 14 1.19 -1.89 0.08
C LYS A 14 0.32 -1.82 -1.16
N GLN A 15 -0.29 -0.65 -1.38
CA GLN A 15 -1.16 -0.43 -2.53
C GLN A 15 -0.53 -0.99 -3.80
N LEU A 16 0.69 -0.55 -4.08
CA LEU A 16 1.41 -1.01 -5.26
C LEU A 16 1.57 -2.53 -5.20
N ARG A 17 1.92 -3.02 -4.01
CA ARG A 17 2.08 -4.45 -3.82
C ARG A 17 0.79 -5.16 -4.19
N ILE A 18 -0.33 -4.61 -3.75
CA ILE A 18 -1.64 -5.19 -4.05
C ILE A 18 -1.85 -5.25 -5.55
N MET A 19 -1.40 -4.21 -6.24
CA MET A 19 -1.53 -4.14 -7.69
C MET A 19 -0.88 -5.37 -8.32
N ARG A 20 0.26 -5.77 -7.77
CA ARG A 20 0.98 -6.95 -8.26
C ARG A 20 1.38 -7.86 -7.10
N LEU A 21 0.38 -8.26 -6.33
CA LEU A 21 0.57 -9.15 -5.20
C LEU A 21 0.82 -10.58 -5.66
N LEU A 22 1.68 -10.73 -6.66
CA LEU A 22 2.00 -12.05 -7.21
C LEU A 22 0.72 -12.78 -7.60
N THR A 23 -0.30 -11.99 -7.94
CA THR A 23 -1.59 -12.52 -8.35
C THR A 23 -2.03 -13.67 -7.45
N ARG A 24 -1.67 -13.60 -6.18
CA ARG A 24 -2.04 -14.63 -5.22
C ARG A 24 -3.55 -14.66 -5.03
N LEU A 25 -4.21 -13.59 -5.44
CA LEU A 25 -5.66 -13.47 -5.33
C LEU A 25 -6.14 -12.23 -6.07
N HIS A 1 7.89 9.95 10.03
CA HIS A 1 7.30 9.97 11.39
C HIS A 1 5.81 9.69 11.32
N VAL A 2 5.12 9.81 12.44
CA VAL A 2 3.68 9.57 12.48
C VAL A 2 2.93 10.68 11.74
N ASP A 3 2.96 11.88 12.32
CA ASP A 3 2.32 13.04 11.73
C ASP A 3 0.89 12.73 11.30
N LYS A 4 0.76 12.23 10.07
CA LYS A 4 -0.55 11.87 9.51
C LYS A 4 -0.33 11.13 8.20
N LYS A 5 0.36 10.00 8.29
CA LYS A 5 0.66 9.18 7.12
C LYS A 5 1.04 7.75 7.51
N VAL A 6 1.64 7.60 8.69
CA VAL A 6 2.04 6.28 9.19
C VAL A 6 0.83 5.38 9.45
N ALA A 7 -0.29 5.75 8.85
CA ALA A 7 -1.53 4.98 8.97
C ALA A 7 -2.24 5.00 7.63
N ASP A 8 -1.42 5.07 6.60
CA ASP A 8 -1.87 5.10 5.22
C ASP A 8 -0.74 4.60 4.33
N LYS A 9 0.42 5.22 4.48
CA LYS A 9 1.60 4.82 3.72
C LYS A 9 2.04 3.41 4.12
N VAL A 10 2.07 3.16 5.43
CA VAL A 10 2.45 1.86 5.94
C VAL A 10 1.65 0.78 5.22
N LEU A 11 0.34 0.99 5.17
CA LEU A 11 -0.56 0.07 4.50
C LEU A 11 -0.27 0.10 3.00
N LEU A 12 -0.06 1.30 2.48
CA LEU A 12 0.23 1.48 1.06
C LEU A 12 1.35 0.54 0.64
N LEU A 13 2.42 0.53 1.41
CA LEU A 13 3.56 -0.34 1.12
C LEU A 13 3.12 -1.80 1.15
N LYS A 14 2.27 -2.14 2.12
CA LYS A 14 1.77 -3.49 2.24
C LYS A 14 0.95 -3.85 1.00
N GLN A 15 0.13 -2.88 0.57
CA GLN A 15 -0.71 -3.04 -0.60
C GLN A 15 0.14 -3.27 -1.84
N LEU A 16 1.32 -2.65 -1.88
CA LEU A 16 2.22 -2.78 -3.01
C LEU A 16 2.23 -4.23 -3.51
N ARG A 17 2.39 -5.17 -2.58
CA ARG A 17 2.38 -6.59 -2.92
C ARG A 17 1.16 -6.90 -3.77
N ILE A 18 0.00 -6.41 -3.33
CA ILE A 18 -1.25 -6.60 -4.04
C ILE A 18 -1.19 -5.89 -5.38
N MET A 19 -0.65 -4.67 -5.37
CA MET A 19 -0.53 -3.88 -6.59
C MET A 19 0.22 -4.69 -7.65
N ARG A 20 1.20 -5.46 -7.19
CA ARG A 20 1.98 -6.31 -8.08
C ARG A 20 1.40 -7.72 -8.07
N LEU A 21 0.08 -7.81 -7.92
CA LEU A 21 -0.61 -9.09 -7.89
C LEU A 21 -0.26 -9.90 -9.14
N LEU A 22 -0.13 -9.22 -10.27
CA LEU A 22 0.20 -9.87 -11.53
C LEU A 22 0.41 -8.82 -12.61
N THR A 23 -0.67 -8.14 -12.99
CA THR A 23 -0.60 -7.10 -14.00
C THR A 23 0.11 -5.87 -13.46
N ARG A 24 -0.64 -5.03 -12.75
CA ARG A 24 -0.09 -3.82 -12.13
C ARG A 24 -1.21 -2.94 -11.58
N LEU A 25 -2.31 -2.85 -12.32
CA LEU A 25 -3.44 -2.04 -11.90
C LEU A 25 -3.01 -0.58 -11.71
N HIS A 1 5.91 8.93 18.82
CA HIS A 1 5.84 9.61 17.51
C HIS A 1 4.42 9.51 16.94
N VAL A 2 3.88 10.63 16.49
CA VAL A 2 2.54 10.65 15.91
C VAL A 2 2.45 9.65 14.76
N ASP A 3 1.35 8.91 14.68
CA ASP A 3 1.16 7.92 13.63
C ASP A 3 0.87 8.60 12.29
N LYS A 4 1.49 9.76 12.08
CA LYS A 4 1.29 10.50 10.84
C LYS A 4 1.59 9.61 9.63
N LYS A 5 0.54 9.18 8.96
CA LYS A 5 0.66 8.32 7.79
C LYS A 5 1.35 7.00 8.15
N VAL A 6 1.57 6.79 9.45
CA VAL A 6 2.20 5.56 9.93
C VAL A 6 1.19 4.42 9.91
N ALA A 7 0.49 4.33 8.79
CA ALA A 7 -0.53 3.32 8.55
C ALA A 7 -0.94 3.39 7.10
N ASP A 8 -1.05 4.62 6.59
CA ASP A 8 -1.40 4.86 5.20
C ASP A 8 -0.37 4.20 4.30
N LYS A 9 0.89 4.51 4.54
CA LYS A 9 1.99 3.94 3.77
C LYS A 9 1.89 2.43 3.77
N VAL A 10 1.73 1.86 4.96
CA VAL A 10 1.60 0.42 5.10
C VAL A 10 0.51 -0.09 4.18
N LEU A 11 -0.66 0.54 4.26
CA LEU A 11 -1.79 0.17 3.44
C LEU A 11 -1.43 0.22 1.95
N LEU A 12 -0.87 1.34 1.53
CA LEU A 12 -0.47 1.52 0.14
C LEU A 12 0.50 0.43 -0.28
N LEU A 13 1.45 0.12 0.60
CA LEU A 13 2.42 -0.91 0.32
C LEU A 13 1.73 -2.26 0.17
N LYS A 14 0.91 -2.61 1.16
CA LYS A 14 0.18 -3.88 1.12
C LYS A 14 -0.99 -3.81 0.16
N GLN A 15 -0.83 -3.02 -0.89
CA GLN A 15 -1.85 -2.85 -1.91
C GLN A 15 -1.18 -2.80 -3.28
N LEU A 16 -0.27 -1.85 -3.44
CA LEU A 16 0.46 -1.71 -4.69
C LEU A 16 1.09 -3.04 -5.04
N ARG A 17 1.74 -3.66 -4.07
CA ARG A 17 2.37 -4.96 -4.26
C ARG A 17 1.34 -5.95 -4.79
N ILE A 18 0.11 -5.86 -4.29
CA ILE A 18 -0.95 -6.75 -4.74
C ILE A 18 -1.23 -6.52 -6.22
N MET A 19 -1.37 -5.27 -6.61
CA MET A 19 -1.61 -4.94 -8.02
C MET A 19 -0.47 -5.46 -8.88
N ARG A 20 0.74 -5.32 -8.35
CA ARG A 20 1.95 -5.76 -9.03
C ARG A 20 2.04 -7.28 -9.17
N LEU A 21 1.81 -7.98 -8.07
CA LEU A 21 1.90 -9.44 -8.06
C LEU A 21 0.66 -10.09 -8.66
N LEU A 22 -0.51 -9.55 -8.34
CA LEU A 22 -1.77 -10.12 -8.83
C LEU A 22 -1.72 -10.37 -10.33
N THR A 23 -1.34 -9.35 -11.09
CA THR A 23 -1.26 -9.50 -12.55
C THR A 23 -0.54 -8.31 -13.19
N ARG A 24 0.28 -8.60 -14.19
CA ARG A 24 1.02 -7.57 -14.91
C ARG A 24 1.40 -8.07 -16.30
N LEU A 25 0.45 -8.70 -16.96
CA LEU A 25 0.67 -9.24 -18.30
C LEU A 25 1.77 -10.30 -18.27
N HIS A 1 -0.85 13.03 -1.79
CA HIS A 1 0.53 13.45 -1.41
C HIS A 1 0.67 13.53 0.11
N VAL A 2 0.26 12.45 0.79
CA VAL A 2 0.35 12.40 2.25
C VAL A 2 1.70 12.90 2.75
N ASP A 3 1.66 13.89 3.64
CA ASP A 3 2.87 14.47 4.21
C ASP A 3 3.73 13.38 4.83
N LYS A 4 3.09 12.46 5.55
CA LYS A 4 3.78 11.37 6.20
C LYS A 4 2.83 10.20 6.44
N LYS A 5 2.29 9.67 5.35
CA LYS A 5 1.35 8.56 5.42
C LYS A 5 0.03 8.99 6.05
N VAL A 6 -0.98 8.17 5.92
CA VAL A 6 -2.29 8.46 6.48
C VAL A 6 -3.05 7.14 6.73
N ALA A 7 -2.31 6.18 7.28
CA ALA A 7 -2.85 4.85 7.58
C ALA A 7 -3.09 4.07 6.29
N ASP A 8 -3.94 4.60 5.42
CA ASP A 8 -4.23 3.94 4.16
C ASP A 8 -2.92 3.57 3.47
N LYS A 9 -1.99 4.52 3.44
CA LYS A 9 -0.71 4.28 2.82
C LYS A 9 -0.08 3.01 3.37
N VAL A 10 -0.15 2.84 4.68
CA VAL A 10 0.39 1.64 5.31
C VAL A 10 -0.27 0.41 4.71
N LEU A 11 -1.58 0.50 4.51
CA LEU A 11 -2.33 -0.59 3.92
C LEU A 11 -1.75 -0.94 2.56
N LEU A 12 -1.51 0.08 1.74
CA LEU A 12 -0.93 -0.15 0.42
C LEU A 12 0.45 -0.77 0.56
N LEU A 13 1.21 -0.27 1.53
CA LEU A 13 2.56 -0.77 1.78
C LEU A 13 2.56 -2.25 2.16
N LYS A 14 1.57 -2.67 2.96
CA LYS A 14 1.49 -4.07 3.37
C LYS A 14 0.99 -4.96 2.24
N GLN A 15 0.84 -4.40 1.06
CA GLN A 15 0.38 -5.16 -0.10
C GLN A 15 0.71 -4.41 -1.39
N LEU A 16 1.93 -3.88 -1.46
CA LEU A 16 2.38 -3.15 -2.64
C LEU A 16 2.47 -4.10 -3.85
N ARG A 17 3.17 -5.20 -3.66
CA ARG A 17 3.32 -6.20 -4.71
C ARG A 17 1.96 -6.78 -5.05
N ILE A 18 1.18 -7.09 -4.01
CA ILE A 18 -0.15 -7.63 -4.19
C ILE A 18 -1.01 -6.68 -5.01
N MET A 19 -0.90 -5.38 -4.71
CA MET A 19 -1.65 -4.35 -5.41
C MET A 19 -1.29 -4.31 -6.89
N ARG A 20 0.00 -4.16 -7.19
CA ARG A 20 0.43 -4.15 -8.58
C ARG A 20 -0.04 -5.42 -9.25
N LEU A 21 0.15 -6.54 -8.56
CA LEU A 21 -0.30 -7.84 -9.06
C LEU A 21 -1.83 -7.92 -8.96
N LEU A 22 -2.45 -6.76 -9.03
CA LEU A 22 -3.90 -6.64 -8.96
C LEU A 22 -4.30 -5.33 -9.62
N THR A 23 -3.61 -5.03 -10.72
CA THR A 23 -3.85 -3.82 -11.48
C THR A 23 -3.61 -4.09 -12.97
N ARG A 24 -2.41 -4.60 -13.28
CA ARG A 24 -2.01 -4.94 -14.66
C ARG A 24 -0.51 -4.71 -14.84
N LEU A 25 0.03 -3.75 -14.08
CA LEU A 25 1.45 -3.41 -14.15
C LEU A 25 1.82 -2.87 -15.52
N HIS A 1 -8.44 12.39 15.11
CA HIS A 1 -9.13 12.56 13.81
C HIS A 1 -8.61 11.55 12.79
N VAL A 2 -9.50 11.08 11.93
CA VAL A 2 -9.11 10.13 10.89
C VAL A 2 -7.90 10.65 10.13
N ASP A 3 -6.92 9.79 9.90
CA ASP A 3 -5.71 10.18 9.20
C ASP A 3 -5.25 9.09 8.24
N LYS A 4 -4.76 9.50 7.08
CA LYS A 4 -4.29 8.58 6.07
C LYS A 4 -2.84 8.18 6.32
N LYS A 5 -2.08 9.09 6.95
CA LYS A 5 -0.67 8.86 7.28
C LYS A 5 -0.49 7.74 8.31
N VAL A 6 -1.39 6.78 8.29
CA VAL A 6 -1.34 5.65 9.19
C VAL A 6 -2.14 4.51 8.58
N ALA A 7 -2.14 4.48 7.25
CA ALA A 7 -2.84 3.46 6.48
C ALA A 7 -2.20 3.32 5.11
N ASP A 8 -2.08 4.43 4.39
CA ASP A 8 -1.46 4.40 3.06
C ASP A 8 -0.03 3.92 3.21
N LYS A 9 0.65 4.46 4.22
CA LYS A 9 2.02 4.07 4.50
C LYS A 9 2.10 2.56 4.61
N VAL A 10 1.15 1.98 5.34
CA VAL A 10 1.10 0.53 5.50
C VAL A 10 1.09 -0.12 4.13
N LEU A 11 0.28 0.42 3.23
CA LEU A 11 0.21 -0.09 1.87
C LEU A 11 1.60 -0.04 1.25
N LEU A 12 2.29 1.07 1.45
CA LEU A 12 3.64 1.24 0.93
C LEU A 12 4.56 0.12 1.43
N LEU A 13 4.37 -0.27 2.69
CA LEU A 13 5.18 -1.32 3.29
C LEU A 13 5.23 -2.55 2.40
N LYS A 14 4.11 -2.88 1.76
CA LYS A 14 4.03 -4.04 0.90
C LYS A 14 3.25 -3.73 -0.37
N GLN A 15 3.36 -2.49 -0.83
CA GLN A 15 2.67 -2.06 -2.05
C GLN A 15 3.13 -2.90 -3.23
N LEU A 16 4.33 -3.48 -3.12
CA LEU A 16 4.88 -4.29 -4.19
C LEU A 16 3.84 -5.26 -4.74
N ARG A 17 3.34 -6.13 -3.87
CA ARG A 17 2.34 -7.12 -4.28
C ARG A 17 0.96 -6.50 -4.32
N ILE A 18 0.56 -5.85 -3.23
CA ILE A 18 -0.76 -5.23 -3.14
C ILE A 18 -1.06 -4.40 -4.38
N MET A 19 -0.07 -3.63 -4.83
CA MET A 19 -0.22 -2.79 -6.01
C MET A 19 -0.72 -3.60 -7.20
N ARG A 20 -0.22 -4.84 -7.32
CA ARG A 20 -0.61 -5.71 -8.42
C ARG A 20 -1.72 -6.66 -7.96
N LEU A 21 -2.60 -6.16 -7.11
CA LEU A 21 -3.72 -6.97 -6.61
C LEU A 21 -5.01 -6.17 -6.63
N LEU A 22 -5.05 -5.16 -7.49
CA LEU A 22 -6.24 -4.33 -7.66
C LEU A 22 -7.09 -4.88 -8.79
N THR A 23 -6.44 -5.14 -9.92
CA THR A 23 -7.10 -5.68 -11.09
C THR A 23 -7.29 -7.20 -10.93
N ARG A 24 -7.82 -7.61 -9.79
CA ARG A 24 -8.06 -9.02 -9.52
C ARG A 24 -9.35 -9.49 -10.19
N LEU A 25 -10.39 -8.65 -10.11
CA LEU A 25 -11.68 -8.99 -10.69
C LEU A 25 -12.24 -10.26 -10.06
N HIS A 1 -3.02 18.29 12.79
CA HIS A 1 -2.89 16.84 12.47
C HIS A 1 -1.45 16.39 12.62
N VAL A 2 -1.24 15.32 13.39
CA VAL A 2 0.10 14.79 13.59
C VAL A 2 0.84 14.69 12.26
N ASP A 3 0.13 14.15 11.28
CA ASP A 3 0.64 13.98 9.92
C ASP A 3 -0.28 13.04 9.16
N LYS A 4 -1.09 13.60 8.26
CA LYS A 4 -2.01 12.80 7.47
C LYS A 4 -1.24 12.02 6.40
N LYS A 5 -0.37 11.16 6.87
CA LYS A 5 0.47 10.34 6.00
C LYS A 5 0.99 9.15 6.80
N VAL A 6 1.45 9.43 8.02
CA VAL A 6 1.98 8.40 8.91
C VAL A 6 0.90 7.35 9.23
N ALA A 7 0.68 6.47 8.26
CA ALA A 7 -0.30 5.40 8.39
C ALA A 7 -0.53 4.75 7.03
N ASP A 8 -0.83 5.58 6.04
CA ASP A 8 -1.06 5.11 4.67
C ASP A 8 0.10 4.25 4.20
N LYS A 9 1.32 4.67 4.53
CA LYS A 9 2.51 3.94 4.15
C LYS A 9 2.41 2.48 4.56
N VAL A 10 1.91 2.24 5.77
CA VAL A 10 1.75 0.88 6.27
C VAL A 10 1.04 0.03 5.21
N LEU A 11 -0.07 0.55 4.74
CA LEU A 11 -0.85 -0.13 3.71
C LEU A 11 -0.06 -0.14 2.40
N LEU A 12 0.62 0.97 2.14
CA LEU A 12 1.44 1.11 0.96
C LEU A 12 2.44 -0.04 0.87
N LEU A 13 2.93 -0.45 2.03
CA LEU A 13 3.89 -1.55 2.08
C LEU A 13 3.27 -2.81 1.49
N LYS A 14 1.96 -2.94 1.63
CA LYS A 14 1.25 -4.11 1.11
C LYS A 14 -0.25 -3.88 1.11
N GLN A 15 -0.78 -3.43 -0.03
CA GLN A 15 -2.20 -3.19 -0.20
C GLN A 15 -2.49 -2.96 -1.68
N LEU A 16 -1.78 -1.99 -2.25
CA LEU A 16 -1.93 -1.70 -3.67
C LEU A 16 -1.24 -2.78 -4.49
N ARG A 17 -0.01 -3.10 -4.10
CA ARG A 17 0.77 -4.14 -4.78
C ARG A 17 -0.05 -5.41 -4.88
N ILE A 18 -0.89 -5.64 -3.86
CA ILE A 18 -1.76 -6.81 -3.85
C ILE A 18 -2.61 -6.83 -5.10
N MET A 19 -3.13 -5.66 -5.45
CA MET A 19 -3.94 -5.49 -6.65
C MET A 19 -3.04 -5.29 -7.86
N ARG A 20 -2.02 -6.14 -7.97
CA ARG A 20 -1.08 -6.04 -9.09
C ARG A 20 -0.25 -7.31 -9.17
N LEU A 21 0.25 -7.78 -8.02
CA LEU A 21 1.07 -8.99 -7.98
C LEU A 21 1.95 -9.07 -9.22
N LEU A 22 2.58 -7.94 -9.53
CA LEU A 22 3.45 -7.82 -10.70
C LEU A 22 3.88 -9.18 -11.24
N THR A 23 3.46 -9.45 -12.46
CA THR A 23 3.78 -10.70 -13.14
C THR A 23 3.50 -10.57 -14.63
N ARG A 24 2.40 -9.89 -14.96
CA ARG A 24 1.99 -9.67 -16.34
C ARG A 24 1.48 -10.95 -17.00
N LEU A 25 2.11 -12.08 -16.67
CA LEU A 25 1.71 -13.36 -17.23
C LEU A 25 1.76 -13.31 -18.77
N HIS A 1 7.70 5.79 14.70
CA HIS A 1 8.58 5.81 13.50
C HIS A 1 8.93 7.24 13.08
N VAL A 2 7.91 8.10 12.96
CA VAL A 2 8.14 9.49 12.58
C VAL A 2 7.00 10.39 13.07
N ASP A 3 5.76 10.00 12.76
CA ASP A 3 4.58 10.77 13.17
C ASP A 3 3.31 10.09 12.64
N LYS A 4 2.49 10.85 11.93
CA LYS A 4 1.24 10.35 11.36
C LYS A 4 1.50 9.73 9.99
N LYS A 5 0.48 9.11 9.40
CA LYS A 5 0.60 8.50 8.07
C LYS A 5 1.52 7.28 8.09
N VAL A 6 1.98 6.90 9.27
CA VAL A 6 2.85 5.74 9.43
C VAL A 6 2.07 4.44 9.29
N ALA A 7 1.36 4.33 8.17
CA ALA A 7 0.55 3.17 7.85
C ALA A 7 -0.23 3.46 6.59
N ASP A 8 -0.83 4.64 6.56
CA ASP A 8 -1.58 5.09 5.39
C ASP A 8 -0.68 5.12 4.17
N LYS A 9 0.48 5.75 4.31
CA LYS A 9 1.45 5.81 3.21
C LYS A 9 1.87 4.40 2.82
N VAL A 10 2.11 3.58 3.83
CA VAL A 10 2.52 2.20 3.62
C VAL A 10 1.46 1.46 2.80
N LEU A 11 0.20 1.82 3.00
CA LEU A 11 -0.89 1.20 2.27
C LEU A 11 -0.54 1.11 0.79
N LEU A 12 0.15 2.13 0.29
CA LEU A 12 0.57 2.17 -1.10
C LEU A 12 1.51 0.99 -1.37
N LEU A 13 2.47 0.81 -0.48
CA LEU A 13 3.42 -0.29 -0.58
C LEU A 13 2.69 -1.61 -0.50
N LYS A 14 1.75 -1.70 0.42
CA LYS A 14 0.95 -2.90 0.59
C LYS A 14 0.17 -3.18 -0.67
N GLN A 15 -0.49 -2.15 -1.20
CA GLN A 15 -1.27 -2.30 -2.41
C GLN A 15 -0.37 -2.80 -3.54
N LEU A 16 0.80 -2.19 -3.68
CA LEU A 16 1.75 -2.60 -4.70
C LEU A 16 1.95 -4.12 -4.63
N ARG A 17 2.20 -4.61 -3.42
CA ARG A 17 2.39 -6.02 -3.18
C ARG A 17 1.21 -6.80 -3.76
N ILE A 18 0.04 -6.17 -3.72
CA ILE A 18 -1.18 -6.78 -4.24
C ILE A 18 -1.32 -6.53 -5.75
N MET A 19 -0.78 -5.40 -6.20
CA MET A 19 -0.86 -5.04 -7.62
C MET A 19 -0.25 -6.13 -8.51
N ARG A 20 0.97 -6.54 -8.20
CA ARG A 20 1.64 -7.56 -8.99
C ARG A 20 0.69 -8.69 -9.38
N LEU A 21 -0.34 -8.91 -8.57
CA LEU A 21 -1.32 -9.96 -8.85
C LEU A 21 -2.21 -9.59 -10.04
N LEU A 22 -1.60 -9.61 -11.22
CA LEU A 22 -2.31 -9.33 -12.47
C LEU A 22 -2.79 -7.88 -12.59
N THR A 23 -2.37 -7.00 -11.70
CA THR A 23 -2.77 -5.59 -11.78
C THR A 23 -1.92 -4.86 -12.82
N ARG A 24 -1.92 -5.39 -14.04
CA ARG A 24 -1.15 -4.80 -15.13
C ARG A 24 -1.65 -3.40 -15.47
N LEU A 25 -2.89 -3.12 -15.09
CA LEU A 25 -3.52 -1.83 -15.37
C LEU A 25 -3.73 -1.65 -16.87
N HIS A 1 9.09 11.29 13.27
CA HIS A 1 8.78 11.75 11.90
C HIS A 1 7.29 11.98 11.72
N VAL A 2 6.95 13.02 10.96
CA VAL A 2 5.55 13.36 10.70
C VAL A 2 4.86 12.28 9.88
N ASP A 3 4.67 11.11 10.48
CA ASP A 3 4.02 10.00 9.79
C ASP A 3 2.61 10.39 9.38
N LYS A 4 1.88 11.02 10.31
CA LYS A 4 0.51 11.44 10.06
C LYS A 4 -0.33 10.23 9.65
N LYS A 5 -0.38 9.94 8.36
CA LYS A 5 -1.11 8.79 7.85
C LYS A 5 -0.26 7.53 8.04
N VAL A 6 0.19 7.32 9.27
CA VAL A 6 1.03 6.19 9.63
C VAL A 6 0.31 4.85 9.39
N ALA A 7 0.11 4.54 8.12
CA ALA A 7 -0.55 3.31 7.71
C ALA A 7 -0.77 3.33 6.20
N ASP A 8 -1.29 4.46 5.72
CA ASP A 8 -1.54 4.64 4.29
C ASP A 8 -0.34 4.18 3.47
N LYS A 9 0.83 4.66 3.83
CA LYS A 9 2.06 4.30 3.13
C LYS A 9 2.26 2.79 3.13
N VAL A 10 2.04 2.16 4.28
CA VAL A 10 2.19 0.71 4.38
C VAL A 10 1.18 0.04 3.46
N LEU A 11 -0.06 0.49 3.57
CA LEU A 11 -1.13 -0.01 2.74
C LEU A 11 -0.70 0.09 1.28
N LEU A 12 -0.07 1.22 0.96
CA LEU A 12 0.42 1.47 -0.37
C LEU A 12 1.44 0.41 -0.77
N LEU A 13 2.39 0.16 0.13
CA LEU A 13 3.43 -0.83 -0.12
C LEU A 13 2.83 -2.17 -0.53
N LYS A 14 1.96 -2.72 0.30
CA LYS A 14 1.35 -4.01 0.02
C LYS A 14 0.44 -3.91 -1.19
N GLN A 15 -0.37 -2.85 -1.25
CA GLN A 15 -1.27 -2.67 -2.40
C GLN A 15 -0.49 -2.81 -3.69
N LEU A 16 0.64 -2.11 -3.77
CA LEU A 16 1.49 -2.17 -4.95
C LEU A 16 1.95 -3.60 -5.18
N ARG A 17 2.36 -4.26 -4.10
CA ARG A 17 2.80 -5.66 -4.22
C ARG A 17 1.70 -6.49 -4.85
N ILE A 18 0.47 -6.27 -4.38
CA ILE A 18 -0.70 -6.97 -4.90
C ILE A 18 -0.86 -6.72 -6.39
N MET A 19 -0.62 -5.47 -6.80
CA MET A 19 -0.73 -5.12 -8.20
C MET A 19 0.13 -6.06 -9.03
N ARG A 20 1.28 -6.43 -8.47
CA ARG A 20 2.22 -7.33 -9.13
C ARG A 20 1.83 -8.79 -8.92
N LEU A 21 0.54 -9.05 -8.76
CA LEU A 21 0.05 -10.41 -8.57
C LEU A 21 -1.46 -10.48 -8.68
N LEU A 22 -2.02 -9.64 -9.54
CA LEU A 22 -3.45 -9.59 -9.77
C LEU A 22 -3.79 -8.51 -10.78
N THR A 23 -3.26 -7.31 -10.56
CA THR A 23 -3.51 -6.19 -11.44
C THR A 23 -2.57 -6.21 -12.65
N ARG A 24 -2.25 -7.41 -13.14
CA ARG A 24 -1.36 -7.56 -14.28
C ARG A 24 -1.29 -9.02 -14.73
N LEU A 25 -2.43 -9.54 -15.14
CA LEU A 25 -2.52 -10.93 -15.59
C LEU A 25 -3.89 -11.18 -16.24
N HIS A 1 -6.37 13.20 12.77
CA HIS A 1 -6.21 11.74 12.56
C HIS A 1 -6.76 11.31 11.20
N VAL A 2 -6.33 12.02 10.15
CA VAL A 2 -6.75 11.73 8.78
C VAL A 2 -5.65 12.16 7.82
N ASP A 3 -4.41 12.06 8.29
CA ASP A 3 -3.24 12.45 7.50
C ASP A 3 -2.86 11.34 6.53
N LYS A 4 -2.47 11.71 5.32
CA LYS A 4 -2.06 10.73 4.33
C LYS A 4 -1.10 9.72 4.94
N LYS A 5 -0.14 10.24 5.70
CA LYS A 5 0.85 9.41 6.36
C LYS A 5 0.35 8.87 7.70
N VAL A 6 -0.89 8.40 7.75
CA VAL A 6 -1.44 7.86 8.99
C VAL A 6 -1.96 6.45 8.79
N ALA A 7 -1.28 5.48 9.40
CA ALA A 7 -1.64 4.06 9.28
C ALA A 7 -1.39 3.53 7.88
N ASP A 8 -2.00 4.16 6.88
CA ASP A 8 -1.83 3.75 5.49
C ASP A 8 -0.37 3.45 5.18
N LYS A 9 0.51 4.22 5.82
CA LYS A 9 1.94 4.07 5.64
C LYS A 9 2.38 2.62 5.77
N VAL A 10 1.81 1.93 6.76
CA VAL A 10 2.15 0.56 7.04
C VAL A 10 1.75 -0.41 5.93
N LEU A 11 0.46 -0.50 5.63
CA LEU A 11 0.01 -1.44 4.60
C LEU A 11 0.64 -1.11 3.26
N LEU A 12 0.81 0.18 2.95
CA LEU A 12 1.41 0.58 1.69
C LEU A 12 2.71 -0.17 1.43
N LEU A 13 3.50 -0.36 2.49
CA LEU A 13 4.78 -1.06 2.39
C LEU A 13 4.65 -2.38 1.64
N LYS A 14 3.48 -3.00 1.74
CA LYS A 14 3.23 -4.27 1.07
C LYS A 14 2.21 -4.09 -0.06
N GLN A 15 1.24 -3.22 0.18
CA GLN A 15 0.18 -2.95 -0.80
C GLN A 15 0.76 -2.78 -2.20
N LEU A 16 1.83 -2.02 -2.32
CA LEU A 16 2.45 -1.81 -3.63
C LEU A 16 2.64 -3.15 -4.33
N ARG A 17 3.03 -4.15 -3.55
CA ARG A 17 3.22 -5.50 -4.07
C ARG A 17 1.87 -6.16 -4.29
N ILE A 18 0.97 -5.98 -3.33
CA ILE A 18 -0.37 -6.55 -3.42
C ILE A 18 -1.04 -6.07 -4.70
N MET A 19 -0.69 -4.86 -5.12
CA MET A 19 -1.25 -4.28 -6.34
C MET A 19 -1.03 -5.23 -7.51
N ARG A 20 -0.10 -6.15 -7.35
CA ARG A 20 0.22 -7.14 -8.38
C ARG A 20 -0.79 -8.29 -8.35
N LEU A 21 -1.80 -8.14 -7.51
CA LEU A 21 -2.85 -9.13 -7.37
C LEU A 21 -3.56 -9.31 -8.71
N LEU A 22 -3.59 -8.24 -9.48
CA LEU A 22 -4.19 -8.23 -10.80
C LEU A 22 -3.82 -6.94 -11.51
N THR A 23 -3.44 -7.06 -12.77
CA THR A 23 -3.02 -5.89 -13.56
C THR A 23 -2.94 -6.25 -15.04
N ARG A 24 -3.98 -6.91 -15.54
CA ARG A 24 -4.03 -7.30 -16.94
C ARG A 24 -4.81 -6.25 -17.73
N LEU A 25 -4.16 -5.69 -18.74
CA LEU A 25 -4.78 -4.68 -19.58
C LEU A 25 -4.30 -4.83 -21.02
N HIS A 1 -1.86 15.40 9.04
CA HIS A 1 -0.39 15.62 9.07
C HIS A 1 0.34 14.41 9.67
N VAL A 2 -0.31 13.79 10.66
CA VAL A 2 0.23 12.62 11.33
C VAL A 2 -0.92 11.69 11.66
N ASP A 3 -1.79 11.52 10.67
CA ASP A 3 -2.99 10.70 10.81
C ASP A 3 -3.51 10.29 9.43
N LYS A 4 -2.60 9.86 8.57
CA LYS A 4 -2.97 9.44 7.22
C LYS A 4 -1.90 8.53 6.64
N LYS A 5 -0.66 9.01 6.65
CA LYS A 5 0.46 8.21 6.15
C LYS A 5 0.93 7.25 7.23
N VAL A 6 0.94 7.75 8.46
CA VAL A 6 1.38 6.96 9.61
C VAL A 6 0.72 5.58 9.62
N ALA A 7 1.57 4.55 9.51
CA ALA A 7 1.12 3.16 9.51
C ALA A 7 0.46 2.77 8.20
N ASP A 8 -0.59 3.48 7.82
CA ASP A 8 -1.29 3.19 6.57
C ASP A 8 -0.30 3.09 5.42
N LYS A 9 0.69 3.98 5.41
CA LYS A 9 1.70 3.96 4.36
C LYS A 9 2.33 2.58 4.29
N VAL A 10 2.60 2.01 5.46
CA VAL A 10 3.18 0.67 5.52
C VAL A 10 2.26 -0.29 4.79
N LEU A 11 0.96 -0.16 5.07
CA LEU A 11 -0.04 -0.98 4.41
C LEU A 11 0.04 -0.76 2.91
N LEU A 12 0.26 0.49 2.52
CA LEU A 12 0.37 0.84 1.10
C LEU A 12 1.56 0.10 0.49
N LEU A 13 2.65 -0.01 1.24
CA LEU A 13 3.84 -0.70 0.76
C LEU A 13 3.47 -2.11 0.32
N LYS A 14 2.79 -2.83 1.20
CA LYS A 14 2.35 -4.18 0.89
C LYS A 14 1.32 -4.14 -0.23
N GLN A 15 0.43 -3.16 -0.14
CA GLN A 15 -0.61 -2.98 -1.14
C GLN A 15 0.02 -2.82 -2.52
N LEU A 16 1.18 -2.16 -2.57
CA LEU A 16 1.88 -1.94 -3.82
C LEU A 16 1.96 -3.26 -4.58
N ARG A 17 2.27 -4.32 -3.84
CA ARG A 17 2.35 -5.64 -4.44
C ARG A 17 0.99 -6.01 -5.03
N ILE A 18 -0.07 -5.79 -4.26
CA ILE A 18 -1.41 -6.07 -4.72
C ILE A 18 -1.66 -5.35 -6.04
N MET A 19 -1.25 -4.09 -6.08
CA MET A 19 -1.40 -3.27 -7.28
C MET A 19 -0.55 -3.82 -8.41
N ARG A 20 0.68 -4.20 -8.07
CA ARG A 20 1.62 -4.75 -9.05
C ARG A 20 1.02 -6.00 -9.69
N LEU A 21 0.46 -6.86 -8.86
CA LEU A 21 -0.15 -8.09 -9.35
C LEU A 21 -1.47 -7.78 -10.05
N LEU A 22 -2.24 -6.88 -9.45
CA LEU A 22 -3.54 -6.48 -10.00
C LEU A 22 -3.36 -5.55 -11.20
N THR A 23 -2.40 -5.87 -12.07
CA THR A 23 -2.16 -5.06 -13.26
C THR A 23 -3.45 -4.89 -14.05
N ARG A 24 -4.13 -6.01 -14.28
CA ARG A 24 -5.39 -6.04 -15.02
C ARG A 24 -5.82 -7.48 -15.25
N LEU A 25 -4.83 -8.33 -15.51
CA LEU A 25 -5.09 -9.75 -15.76
C LEU A 25 -3.77 -10.52 -15.65
N HIS A 1 -6.81 14.60 12.56
CA HIS A 1 -7.44 13.27 12.41
C HIS A 1 -6.70 12.47 11.34
N VAL A 2 -6.31 11.24 11.67
CA VAL A 2 -5.58 10.39 10.73
C VAL A 2 -4.54 11.22 9.97
N ASP A 3 -3.90 12.12 10.71
CA ASP A 3 -2.88 13.00 10.15
C ASP A 3 -1.80 12.20 9.43
N LYS A 4 -1.30 12.79 8.34
CA LYS A 4 -0.26 12.15 7.54
C LYS A 4 -0.79 10.87 6.90
N LYS A 5 0.11 10.00 6.48
CA LYS A 5 -0.27 8.73 5.87
C LYS A 5 -0.29 7.64 6.93
N VAL A 6 -0.79 7.98 8.11
CA VAL A 6 -0.86 7.03 9.21
C VAL A 6 -1.51 5.74 8.77
N ALA A 7 -0.71 4.67 8.75
CA ALA A 7 -1.18 3.36 8.32
C ALA A 7 -1.31 3.31 6.80
N ASP A 8 -1.94 4.33 6.23
CA ASP A 8 -2.13 4.41 4.79
C ASP A 8 -0.81 4.16 4.07
N LYS A 9 0.27 4.70 4.63
CA LYS A 9 1.60 4.53 4.06
C LYS A 9 1.90 3.06 3.84
N VAL A 10 1.67 2.26 4.88
CA VAL A 10 1.90 0.84 4.83
C VAL A 10 0.90 0.17 3.88
N LEU A 11 -0.36 0.55 4.03
CA LEU A 11 -1.42 0.01 3.20
C LEU A 11 -1.10 0.18 1.72
N LEU A 12 -0.70 1.39 1.34
CA LEU A 12 -0.38 1.68 -0.05
C LEU A 12 0.87 0.93 -0.52
N LEU A 13 2.01 1.16 0.14
CA LEU A 13 3.25 0.49 -0.25
C LEU A 13 3.03 -1.01 -0.36
N LYS A 14 2.33 -1.58 0.60
CA LYS A 14 2.05 -3.01 0.59
C LYS A 14 1.03 -3.36 -0.49
N GLN A 15 0.01 -2.53 -0.63
CA GLN A 15 -1.03 -2.71 -1.62
C GLN A 15 -0.42 -2.77 -3.02
N LEU A 16 0.52 -1.87 -3.28
CA LEU A 16 1.18 -1.80 -4.58
C LEU A 16 1.57 -3.18 -5.08
N ARG A 17 1.84 -4.10 -4.16
CA ARG A 17 2.24 -5.45 -4.53
C ARG A 17 1.09 -6.44 -4.32
N ILE A 18 0.49 -6.44 -3.15
CA ILE A 18 -0.63 -7.33 -2.84
C ILE A 18 -1.74 -7.20 -3.88
N MET A 19 -1.86 -6.00 -4.44
CA MET A 19 -2.89 -5.72 -5.45
C MET A 19 -2.96 -6.86 -6.48
N ARG A 20 -1.83 -7.50 -6.73
CA ARG A 20 -1.77 -8.61 -7.67
C ARG A 20 -0.43 -9.32 -7.58
N LEU A 21 0.09 -9.46 -6.36
CA LEU A 21 1.38 -10.12 -6.13
C LEU A 21 2.34 -9.88 -7.28
N LEU A 22 2.27 -8.66 -7.80
CA LEU A 22 3.08 -8.21 -8.92
C LEU A 22 2.63 -6.80 -9.28
N THR A 23 1.35 -6.70 -9.62
CA THR A 23 0.71 -5.43 -9.94
C THR A 23 1.37 -4.72 -11.11
N ARG A 24 0.57 -4.02 -11.89
CA ARG A 24 1.07 -3.26 -13.03
C ARG A 24 1.72 -1.99 -12.51
N LEU A 25 2.63 -2.13 -11.56
CA LEU A 25 3.31 -1.01 -10.96
C LEU A 25 4.68 -1.44 -10.44
N HIS A 1 1.81 3.44 17.16
CA HIS A 1 2.44 3.57 15.82
C HIS A 1 1.39 3.93 14.77
N VAL A 2 0.26 3.23 14.81
CA VAL A 2 -0.83 3.49 13.87
C VAL A 2 -1.49 4.83 14.16
N ASP A 3 -1.86 5.53 13.10
CA ASP A 3 -2.52 6.84 13.22
C ASP A 3 -2.85 7.40 11.85
N LYS A 4 -1.83 7.53 11.01
CA LYS A 4 -2.02 8.06 9.66
C LYS A 4 -0.87 7.61 8.77
N LYS A 5 0.36 7.89 9.21
CA LYS A 5 1.54 7.49 8.46
C LYS A 5 1.54 5.97 8.29
N VAL A 6 1.50 5.27 9.43
CA VAL A 6 1.48 3.81 9.43
C VAL A 6 0.10 3.28 9.04
N ALA A 7 -0.36 3.70 7.87
CA ALA A 7 -1.66 3.29 7.36
C ALA A 7 -1.81 3.85 5.96
N ASP A 8 -1.53 5.14 5.83
CA ASP A 8 -1.60 5.82 4.54
C ASP A 8 -0.46 5.34 3.65
N LYS A 9 0.74 5.39 4.19
CA LYS A 9 1.91 4.92 3.47
C LYS A 9 1.81 3.42 3.28
N VAL A 10 1.34 2.76 4.33
CA VAL A 10 1.18 1.31 4.33
C VAL A 10 0.26 0.86 3.20
N LEU A 11 -0.96 1.39 3.16
CA LEU A 11 -1.91 1.03 2.13
C LEU A 11 -1.33 1.35 0.75
N LEU A 12 -0.57 2.43 0.69
CA LEU A 12 0.05 2.85 -0.57
C LEU A 12 1.06 1.81 -1.06
N LEU A 13 2.08 1.53 -0.24
CA LEU A 13 3.09 0.56 -0.60
C LEU A 13 2.48 -0.83 -0.74
N LYS A 14 1.54 -1.13 0.14
CA LYS A 14 0.85 -2.41 0.12
C LYS A 14 0.10 -2.57 -1.19
N GLN A 15 -0.68 -1.55 -1.51
CA GLN A 15 -1.47 -1.54 -2.73
C GLN A 15 -0.62 -1.91 -3.93
N LEU A 16 0.57 -1.34 -4.01
CA LEU A 16 1.49 -1.65 -5.11
C LEU A 16 1.68 -3.15 -5.20
N ARG A 17 1.96 -3.77 -4.06
CA ARG A 17 2.15 -5.21 -4.02
C ARG A 17 0.86 -5.94 -4.35
N ILE A 18 -0.25 -5.39 -3.87
CA ILE A 18 -1.56 -5.98 -4.13
C ILE A 18 -1.79 -6.08 -5.63
N MET A 19 -1.51 -5.00 -6.35
CA MET A 19 -1.68 -4.98 -7.79
C MET A 19 -0.65 -5.86 -8.46
N ARG A 20 0.62 -5.67 -8.10
CA ARG A 20 1.69 -6.48 -8.67
C ARG A 20 1.42 -7.95 -8.45
N LEU A 21 0.83 -8.27 -7.30
CA LEU A 21 0.49 -9.64 -6.96
C LEU A 21 -1.02 -9.85 -7.04
N LEU A 22 -1.67 -9.12 -7.94
CA LEU A 22 -3.11 -9.23 -8.11
C LEU A 22 -3.47 -10.66 -8.44
N THR A 23 -2.74 -11.23 -9.39
CA THR A 23 -2.93 -12.61 -9.81
C THR A 23 -1.69 -13.09 -10.54
N ARG A 24 -1.20 -14.26 -10.15
CA ARG A 24 -0.01 -14.82 -10.79
C ARG A 24 -0.27 -15.04 -12.27
N LEU A 25 -1.50 -15.39 -12.59
CA LEU A 25 -1.90 -15.61 -13.97
C LEU A 25 -2.02 -14.27 -14.70
N HIS A 1 1.58 13.30 18.96
CA HIS A 1 0.53 12.53 18.24
C HIS A 1 0.50 12.91 16.77
N VAL A 2 1.64 12.73 16.09
CA VAL A 2 1.73 13.05 14.68
C VAL A 2 1.01 12.02 13.82
N ASP A 3 -0.29 11.82 14.11
CA ASP A 3 -1.09 10.86 13.37
C ASP A 3 -1.28 11.32 11.93
N LYS A 4 -2.32 10.81 11.27
CA LYS A 4 -2.62 11.16 9.89
C LYS A 4 -1.52 10.63 8.96
N LYS A 5 -1.92 10.14 7.80
CA LYS A 5 -0.99 9.58 6.82
C LYS A 5 -0.01 8.61 7.48
N VAL A 6 -0.43 8.05 8.62
CA VAL A 6 0.37 7.08 9.36
C VAL A 6 -0.26 5.70 9.23
N ALA A 7 -0.56 5.35 8.00
CA ALA A 7 -1.18 4.06 7.69
C ALA A 7 -1.30 3.91 6.19
N ASP A 8 -1.66 5.01 5.53
CA ASP A 8 -1.81 5.02 4.08
C ASP A 8 -0.64 4.31 3.42
N LYS A 9 0.57 4.78 3.68
CA LYS A 9 1.77 4.18 3.13
C LYS A 9 1.93 2.75 3.66
N VAL A 10 1.71 2.59 4.95
CA VAL A 10 1.83 1.28 5.58
C VAL A 10 1.05 0.25 4.78
N LEU A 11 -0.23 0.52 4.55
CA LEU A 11 -1.06 -0.38 3.78
C LEU A 11 -0.62 -0.38 2.33
N LEU A 12 -0.21 0.79 1.84
CA LEU A 12 0.26 0.92 0.46
C LEU A 12 1.35 -0.11 0.20
N LEU A 13 2.29 -0.21 1.12
CA LEU A 13 3.40 -1.16 1.02
C LEU A 13 2.88 -2.59 1.13
N LYS A 14 1.77 -2.75 1.83
CA LYS A 14 1.16 -4.06 2.01
C LYS A 14 0.52 -4.54 0.71
N GLN A 15 -0.28 -3.67 0.13
CA GLN A 15 -0.98 -3.96 -1.11
C GLN A 15 -0.03 -3.94 -2.30
N LEU A 16 0.95 -3.03 -2.26
CA LEU A 16 1.93 -2.86 -3.33
C LEU A 16 2.10 -4.12 -4.18
N ARG A 17 2.53 -5.21 -3.55
CA ARG A 17 2.73 -6.47 -4.26
C ARG A 17 1.46 -6.91 -4.98
N ILE A 18 0.36 -6.95 -4.23
CA ILE A 18 -0.92 -7.36 -4.79
C ILE A 18 -1.30 -6.43 -5.93
N MET A 19 -1.06 -5.13 -5.73
CA MET A 19 -1.35 -4.14 -6.74
C MET A 19 -0.69 -4.54 -8.06
N ARG A 20 0.48 -5.14 -7.95
CA ARG A 20 1.20 -5.60 -9.13
C ARG A 20 0.40 -6.71 -9.79
N LEU A 21 -0.09 -7.63 -8.95
CA LEU A 21 -0.89 -8.75 -9.43
C LEU A 21 -2.20 -8.22 -10.02
N LEU A 22 -2.64 -7.08 -9.51
CA LEU A 22 -3.87 -6.46 -9.96
C LEU A 22 -3.78 -6.04 -11.42
N THR A 23 -2.56 -6.11 -11.99
CA THR A 23 -2.36 -5.75 -13.39
C THR A 23 -3.07 -6.73 -14.31
N ARG A 24 -2.53 -6.96 -15.49
CA ARG A 24 -3.12 -7.88 -16.44
C ARG A 24 -2.30 -9.16 -16.49
N LEU A 25 -1.14 -9.11 -15.86
CA LEU A 25 -0.22 -10.23 -15.80
C LEU A 25 0.99 -9.85 -14.94
N HIS A 1 -2.69 18.15 5.59
CA HIS A 1 -4.15 18.43 5.72
C HIS A 1 -4.88 17.26 6.36
N VAL A 2 -4.29 16.07 6.24
CA VAL A 2 -4.86 14.85 6.80
C VAL A 2 -3.86 13.72 6.68
N ASP A 3 -3.68 12.97 7.77
CA ASP A 3 -2.74 11.88 7.79
C ASP A 3 -3.07 10.85 6.71
N LYS A 4 -2.04 10.40 6.02
CA LYS A 4 -2.19 9.41 4.96
C LYS A 4 -0.92 8.56 4.89
N LYS A 5 0.23 9.21 4.84
CA LYS A 5 1.49 8.50 4.81
C LYS A 5 1.66 7.73 6.12
N VAL A 6 1.14 8.30 7.20
CA VAL A 6 1.17 7.66 8.51
C VAL A 6 0.22 6.46 8.52
N ALA A 7 -0.06 5.97 7.31
CA ALA A 7 -0.93 4.83 7.10
C ALA A 7 -0.41 4.07 5.89
N ASP A 8 -0.02 4.82 4.86
CA ASP A 8 0.53 4.20 3.65
C ASP A 8 1.68 3.28 4.04
N LYS A 9 2.52 3.76 4.95
CA LYS A 9 3.67 2.99 5.43
C LYS A 9 3.23 1.60 5.93
N VAL A 10 1.94 1.46 6.19
CA VAL A 10 1.38 0.21 6.65
C VAL A 10 0.62 -0.49 5.51
N LEU A 11 -0.28 0.25 4.88
CA LEU A 11 -1.05 -0.29 3.77
C LEU A 11 -0.15 -0.82 2.66
N LEU A 12 0.80 0.00 2.24
CA LEU A 12 1.74 -0.36 1.18
C LEU A 12 2.45 -1.68 1.47
N LEU A 13 2.55 -2.05 2.75
CA LEU A 13 3.21 -3.31 3.13
C LEU A 13 2.64 -4.47 2.34
N LYS A 14 1.45 -4.29 1.80
CA LYS A 14 0.78 -5.33 1.02
C LYS A 14 -0.23 -4.73 0.07
N GLN A 15 -1.00 -3.77 0.57
CA GLN A 15 -2.04 -3.09 -0.21
C GLN A 15 -1.41 -2.12 -1.21
N LEU A 16 -0.52 -2.65 -2.03
CA LEU A 16 0.16 -1.86 -3.06
C LEU A 16 0.68 -2.80 -4.14
N ARG A 17 1.72 -3.55 -3.81
CA ARG A 17 2.28 -4.51 -4.75
C ARG A 17 1.21 -5.53 -5.11
N ILE A 18 0.58 -6.10 -4.09
CA ILE A 18 -0.48 -7.06 -4.31
C ILE A 18 -1.47 -6.51 -5.31
N MET A 19 -1.75 -5.21 -5.18
CA MET A 19 -2.67 -4.54 -6.08
C MET A 19 -2.06 -4.48 -7.48
N ARG A 20 -0.78 -4.16 -7.54
CA ARG A 20 -0.08 -4.09 -8.82
C ARG A 20 -0.23 -5.41 -9.55
N LEU A 21 -0.10 -6.51 -8.82
CA LEU A 21 -0.25 -7.84 -9.39
C LEU A 21 -1.74 -8.18 -9.52
N LEU A 22 -2.56 -7.14 -9.72
CA LEU A 22 -3.99 -7.29 -9.86
C LEU A 22 -4.54 -8.25 -8.79
N THR A 23 -3.95 -8.18 -7.61
CA THR A 23 -4.35 -9.04 -6.50
C THR A 23 -4.59 -10.47 -6.97
N ARG A 24 -3.73 -10.93 -7.87
CA ARG A 24 -3.84 -12.28 -8.42
C ARG A 24 -3.39 -13.33 -7.40
N LEU A 25 -3.78 -13.15 -6.14
CA LEU A 25 -3.42 -14.10 -5.10
C LEU A 25 -4.14 -15.42 -5.32
N HIS A 1 -1.89 12.53 18.33
CA HIS A 1 -1.03 11.35 18.02
C HIS A 1 -1.40 10.78 16.65
N VAL A 2 -0.94 9.57 16.37
CA VAL A 2 -1.23 8.94 15.09
C VAL A 2 -2.73 8.97 14.78
N ASP A 3 -3.06 9.27 13.53
CA ASP A 3 -4.46 9.35 13.10
C ASP A 3 -4.57 9.31 11.57
N LYS A 4 -3.65 9.98 10.89
CA LYS A 4 -3.66 10.03 9.44
C LYS A 4 -2.27 9.72 8.88
N LYS A 5 -2.23 9.13 7.68
CA LYS A 5 -0.96 8.75 7.04
C LYS A 5 -0.30 7.60 7.78
N VAL A 6 -0.67 7.41 9.05
CA VAL A 6 -0.14 6.34 9.88
C VAL A 6 -0.67 4.97 9.43
N ALA A 7 -0.73 4.79 8.12
CA ALA A 7 -1.21 3.54 7.53
C ALA A 7 -0.74 3.48 6.09
N ASP A 8 -0.89 4.58 5.37
CA ASP A 8 -0.45 4.64 3.98
C ASP A 8 1.02 4.27 3.90
N LYS A 9 1.80 4.79 4.85
CA LYS A 9 3.23 4.51 4.94
C LYS A 9 3.48 3.05 5.34
N VAL A 10 2.52 2.21 5.00
CA VAL A 10 2.58 0.78 5.29
C VAL A 10 1.82 0.06 4.20
N LEU A 11 0.63 0.59 3.91
CA LEU A 11 -0.21 0.04 2.86
C LEU A 11 0.53 0.10 1.54
N LEU A 12 1.13 1.26 1.25
CA LEU A 12 1.89 1.42 0.03
C LEU A 12 2.96 0.33 -0.03
N LEU A 13 3.61 0.11 1.11
CA LEU A 13 4.64 -0.91 1.24
C LEU A 13 4.01 -2.29 1.29
N LYS A 14 2.95 -2.47 0.52
CA LYS A 14 2.22 -3.73 0.46
C LYS A 14 1.41 -3.78 -0.83
N GLN A 15 0.70 -2.69 -1.11
CA GLN A 15 -0.11 -2.61 -2.32
C GLN A 15 0.78 -2.86 -3.53
N LEU A 16 2.02 -2.39 -3.45
CA LEU A 16 2.97 -2.57 -4.54
C LEU A 16 3.02 -4.04 -4.97
N ARG A 17 3.31 -4.93 -4.02
CA ARG A 17 3.37 -6.35 -4.31
C ARG A 17 2.01 -6.84 -4.79
N ILE A 18 0.96 -6.21 -4.27
CA ILE A 18 -0.40 -6.56 -4.66
C ILE A 18 -0.69 -6.07 -6.08
N MET A 19 -0.01 -5.00 -6.47
CA MET A 19 -0.21 -4.42 -7.80
C MET A 19 -0.18 -5.49 -8.89
N ARG A 20 0.82 -6.38 -8.84
CA ARG A 20 0.92 -7.42 -9.85
C ARG A 20 -0.37 -8.23 -9.94
N LEU A 21 -1.12 -8.27 -8.84
CA LEU A 21 -2.38 -9.00 -8.80
C LEU A 21 -3.39 -8.29 -9.70
N LEU A 22 -3.25 -6.97 -9.77
CA LEU A 22 -4.12 -6.14 -10.58
C LEU A 22 -3.76 -6.28 -12.07
N THR A 23 -3.59 -7.53 -12.50
CA THR A 23 -3.24 -7.83 -13.88
C THR A 23 -2.02 -7.03 -14.33
N ARG A 24 -0.85 -7.52 -13.97
CA ARG A 24 0.40 -6.87 -14.31
C ARG A 24 0.59 -6.88 -15.84
N LEU A 25 0.07 -7.94 -16.46
CA LEU A 25 0.17 -8.12 -17.91
C LEU A 25 1.60 -8.39 -18.35
N HIS A 1 2.51 7.84 16.79
CA HIS A 1 1.89 7.78 15.43
C HIS A 1 0.56 8.51 15.41
N VAL A 2 0.40 9.44 14.48
CA VAL A 2 -0.84 10.20 14.37
C VAL A 2 -1.57 9.88 13.07
N ASP A 3 -1.68 8.58 12.78
CA ASP A 3 -2.36 8.12 11.58
C ASP A 3 -1.68 8.67 10.32
N LYS A 4 -2.48 9.14 9.37
CA LYS A 4 -1.94 9.69 8.13
C LYS A 4 -0.96 8.71 7.49
N LYS A 5 0.21 9.19 7.09
CA LYS A 5 1.21 8.33 6.47
C LYS A 5 1.46 7.10 7.32
N VAL A 6 1.47 7.29 8.64
CA VAL A 6 1.68 6.20 9.59
C VAL A 6 0.41 5.36 9.72
N ALA A 7 -0.19 5.08 8.57
CA ALA A 7 -1.41 4.29 8.49
C ALA A 7 -1.75 4.06 7.03
N ASP A 8 -1.58 5.10 6.23
CA ASP A 8 -1.84 5.02 4.80
C ASP A 8 -0.65 4.42 4.05
N LYS A 9 0.56 4.89 4.38
CA LYS A 9 1.76 4.40 3.73
C LYS A 9 1.83 2.87 3.78
N VAL A 10 1.64 2.31 4.96
CA VAL A 10 1.67 0.87 5.13
C VAL A 10 0.69 0.21 4.17
N LEU A 11 -0.50 0.80 4.06
CA LEU A 11 -1.53 0.30 3.16
C LEU A 11 -1.04 0.39 1.71
N LEU A 12 -0.51 1.54 1.34
CA LEU A 12 -0.01 1.76 -0.01
C LEU A 12 1.10 0.78 -0.35
N LEU A 13 2.07 0.64 0.56
CA LEU A 13 3.20 -0.26 0.36
C LEU A 13 2.69 -1.67 0.04
N LYS A 14 1.74 -2.14 0.83
CA LYS A 14 1.17 -3.46 0.61
C LYS A 14 0.37 -3.48 -0.68
N GLN A 15 -0.48 -2.48 -0.85
CA GLN A 15 -1.31 -2.35 -2.04
C GLN A 15 -0.45 -2.40 -3.30
N LEU A 16 0.70 -1.73 -3.25
CA LEU A 16 1.62 -1.70 -4.37
C LEU A 16 1.86 -3.12 -4.88
N ARG A 17 2.01 -4.05 -3.93
CA ARG A 17 2.24 -5.44 -4.28
C ARG A 17 0.94 -6.05 -4.82
N ILE A 18 -0.16 -5.72 -4.17
CA ILE A 18 -1.46 -6.23 -4.60
C ILE A 18 -1.65 -5.93 -6.07
N MET A 19 -1.47 -4.66 -6.42
CA MET A 19 -1.58 -4.23 -7.80
C MET A 19 -0.32 -4.63 -8.57
N ARG A 20 0.16 -5.84 -8.31
CA ARG A 20 1.34 -6.37 -8.97
C ARG A 20 1.17 -7.86 -9.18
N LEU A 21 0.97 -8.61 -8.11
CA LEU A 21 0.76 -10.05 -8.23
C LEU A 21 -0.58 -10.28 -8.90
N LEU A 22 -1.57 -9.50 -8.49
CA LEU A 22 -2.91 -9.58 -9.06
C LEU A 22 -2.98 -8.67 -10.29
N THR A 23 -1.94 -8.72 -11.11
CA THR A 23 -1.85 -7.89 -12.29
C THR A 23 -0.95 -8.54 -13.34
N ARG A 24 -1.41 -8.51 -14.59
CA ARG A 24 -0.67 -9.09 -15.71
C ARG A 24 -1.56 -9.16 -16.94
N LEU A 25 -2.85 -9.41 -16.71
CA LEU A 25 -3.81 -9.48 -17.79
C LEU A 25 -4.13 -8.07 -18.28
N HIS A 1 8.38 8.37 9.20
CA HIS A 1 7.72 8.68 10.49
C HIS A 1 6.38 9.38 10.27
N VAL A 2 5.57 8.85 9.35
CA VAL A 2 4.27 9.44 9.05
C VAL A 2 3.42 9.51 10.32
N ASP A 3 3.53 8.47 11.14
CA ASP A 3 2.81 8.36 12.41
C ASP A 3 1.31 8.14 12.18
N LYS A 4 0.68 9.00 11.40
CA LYS A 4 -0.74 8.87 11.11
C LYS A 4 -0.95 8.40 9.67
N LYS A 5 -1.96 7.57 9.46
CA LYS A 5 -2.26 7.02 8.15
C LYS A 5 -1.19 6.01 7.75
N VAL A 6 -0.68 5.30 8.76
CA VAL A 6 0.36 4.30 8.54
C VAL A 6 -0.17 3.12 7.73
N ALA A 7 -1.39 3.26 7.22
CA ALA A 7 -2.00 2.23 6.40
C ALA A 7 -1.74 2.55 4.94
N ASP A 8 -2.21 3.70 4.50
CA ASP A 8 -2.01 4.14 3.13
C ASP A 8 -0.54 4.48 2.91
N LYS A 9 0.02 5.25 3.84
CA LYS A 9 1.41 5.66 3.75
C LYS A 9 2.34 4.50 4.11
N VAL A 10 1.96 3.31 3.66
CA VAL A 10 2.73 2.08 3.88
C VAL A 10 2.30 1.03 2.86
N LEU A 11 1.00 0.80 2.80
CA LEU A 11 0.45 -0.15 1.86
C LEU A 11 0.96 0.14 0.46
N LEU A 12 0.90 1.42 0.08
CA LEU A 12 1.38 1.84 -1.23
C LEU A 12 2.90 1.80 -1.29
N LEU A 13 3.54 2.25 -0.21
CA LEU A 13 5.01 2.24 -0.15
C LEU A 13 5.52 0.86 -0.53
N LYS A 14 4.84 -0.15 -0.01
CA LYS A 14 5.19 -1.53 -0.31
C LYS A 14 4.61 -1.91 -1.67
N GLN A 15 3.28 -1.86 -1.77
CA GLN A 15 2.56 -2.15 -3.01
C GLN A 15 2.66 -3.62 -3.42
N LEU A 16 3.85 -4.21 -3.27
CA LEU A 16 4.09 -5.60 -3.66
C LEU A 16 2.83 -6.47 -3.58
N ARG A 17 2.29 -6.61 -2.37
CA ARG A 17 1.10 -7.43 -2.17
C ARG A 17 0.01 -7.09 -3.19
N ILE A 18 -0.20 -5.80 -3.41
CA ILE A 18 -1.20 -5.35 -4.37
C ILE A 18 -0.75 -5.66 -5.79
N MET A 19 0.53 -5.43 -6.06
CA MET A 19 1.10 -5.71 -7.36
C MET A 19 0.70 -7.10 -7.83
N ARG A 20 0.63 -8.03 -6.88
CA ARG A 20 0.26 -9.41 -7.18
C ARG A 20 -1.12 -9.43 -7.84
N LEU A 21 -2.03 -8.64 -7.30
CA LEU A 21 -3.39 -8.55 -7.82
C LEU A 21 -3.36 -7.86 -9.17
N LEU A 22 -2.54 -6.83 -9.27
CA LEU A 22 -2.39 -6.07 -10.50
C LEU A 22 -1.29 -5.04 -10.35
N THR A 23 -0.36 -5.04 -11.29
CA THR A 23 0.74 -4.10 -11.29
C THR A 23 0.24 -2.70 -11.62
N ARG A 24 -0.44 -2.60 -12.76
CA ARG A 24 -0.98 -1.34 -13.21
C ARG A 24 0.11 -0.26 -13.19
N LEU A 25 1.33 -0.66 -13.52
CA LEU A 25 2.44 0.27 -13.54
C LEU A 25 2.24 1.34 -14.62
N HIS A 1 -2.15 9.24 18.08
CA HIS A 1 -1.08 8.90 17.09
C HIS A 1 -1.56 9.10 15.65
N VAL A 2 -2.87 9.21 15.46
CA VAL A 2 -3.43 9.40 14.13
C VAL A 2 -3.20 10.83 13.65
N ASP A 3 -1.99 11.34 13.91
CA ASP A 3 -1.63 12.69 13.52
C ASP A 3 -2.00 12.98 12.07
N LYS A 4 -1.75 12.02 11.20
CA LYS A 4 -2.05 12.19 9.78
C LYS A 4 -2.35 10.86 9.10
N LYS A 5 -1.62 9.82 9.47
CA LYS A 5 -1.81 8.50 8.87
C LYS A 5 -0.94 7.45 9.53
N VAL A 6 -1.57 6.34 9.91
CA VAL A 6 -0.88 5.23 10.56
C VAL A 6 -1.13 3.95 9.77
N ALA A 7 -1.04 4.08 8.45
CA ALA A 7 -1.25 2.95 7.55
C ALA A 7 -0.82 3.35 6.14
N ASP A 8 -1.11 4.59 5.76
CA ASP A 8 -0.76 5.09 4.44
C ASP A 8 0.70 4.74 4.13
N LYS A 9 1.58 5.08 5.06
CA LYS A 9 3.01 4.82 4.91
C LYS A 9 3.34 3.34 5.10
N VAL A 10 2.59 2.48 4.42
CA VAL A 10 2.80 1.04 4.49
C VAL A 10 1.80 0.35 3.58
N LEU A 11 0.61 0.93 3.52
CA LEU A 11 -0.47 0.41 2.68
C LEU A 11 0.00 0.32 1.23
N LEU A 12 0.64 1.37 0.74
CA LEU A 12 1.13 1.40 -0.63
C LEU A 12 2.17 0.30 -0.85
N LEU A 13 3.12 0.19 0.07
CA LEU A 13 4.16 -0.84 -0.04
C LEU A 13 3.50 -2.21 -0.23
N LYS A 14 2.61 -2.55 0.68
CA LYS A 14 1.90 -3.82 0.59
C LYS A 14 1.03 -3.86 -0.66
N GLN A 15 0.38 -2.74 -0.94
CA GLN A 15 -0.48 -2.61 -2.09
C GLN A 15 0.25 -3.03 -3.36
N LEU A 16 1.55 -2.76 -3.40
CA LEU A 16 2.36 -3.12 -4.56
C LEU A 16 2.13 -4.58 -4.95
N ARG A 17 2.21 -5.46 -3.96
CA ARG A 17 2.01 -6.89 -4.21
C ARG A 17 0.60 -7.13 -4.76
N ILE A 18 -0.39 -6.61 -4.06
CA ILE A 18 -1.78 -6.77 -4.48
C ILE A 18 -1.96 -6.19 -5.87
N MET A 19 -1.25 -5.11 -6.15
CA MET A 19 -1.30 -4.46 -7.44
C MET A 19 -0.71 -5.36 -8.52
N ARG A 20 0.47 -5.90 -8.26
CA ARG A 20 1.11 -6.80 -9.22
C ARG A 20 0.18 -7.97 -9.47
N LEU A 21 -0.45 -8.43 -8.39
CA LEU A 21 -1.40 -9.54 -8.45
C LEU A 21 -2.72 -9.06 -9.05
N LEU A 22 -2.63 -8.28 -10.12
CA LEU A 22 -3.80 -7.73 -10.80
C LEU A 22 -3.38 -7.04 -12.08
N THR A 23 -2.33 -6.22 -11.97
CA THR A 23 -1.80 -5.47 -13.11
C THR A 23 -2.83 -4.50 -13.68
N ARG A 24 -2.34 -3.47 -14.38
CA ARG A 24 -3.20 -2.45 -14.97
C ARG A 24 -3.75 -1.50 -13.91
N LEU A 25 -2.84 -0.91 -13.15
CA LEU A 25 -3.21 0.03 -12.09
C LEU A 25 -2.21 1.18 -12.03
N HIS A 1 1.29 10.57 15.81
CA HIS A 1 0.46 9.34 15.76
C HIS A 1 -1.02 9.69 15.65
N VAL A 2 -1.83 8.70 15.30
CA VAL A 2 -3.28 8.89 15.14
C VAL A 2 -3.57 10.18 14.36
N ASP A 3 -2.74 10.44 13.36
CA ASP A 3 -2.89 11.62 12.51
C ASP A 3 -1.93 11.49 11.32
N LYS A 4 -2.32 12.05 10.18
CA LYS A 4 -1.50 11.98 8.97
C LYS A 4 -1.44 10.54 8.48
N LYS A 5 -0.63 10.30 7.45
CA LYS A 5 -0.48 8.97 6.87
C LYS A 5 0.33 8.05 7.78
N VAL A 6 0.06 8.10 9.08
CA VAL A 6 0.78 7.27 10.05
C VAL A 6 0.34 5.80 9.95
N ALA A 7 0.08 5.35 8.73
CA ALA A 7 -0.35 3.98 8.48
C ALA A 7 -0.70 3.78 7.01
N ASP A 8 -1.37 4.77 6.44
CA ASP A 8 -1.80 4.71 5.04
C ASP A 8 -0.66 4.18 4.16
N LYS A 9 0.54 4.69 4.37
CA LYS A 9 1.69 4.24 3.59
C LYS A 9 1.90 2.75 3.78
N VAL A 10 1.80 2.28 5.03
CA VAL A 10 1.95 0.87 5.32
C VAL A 10 0.97 0.08 4.48
N LEU A 11 -0.27 0.56 4.45
CA LEU A 11 -1.32 -0.06 3.66
C LEU A 11 -0.96 0.05 2.19
N LEU A 12 -0.36 1.17 1.82
CA LEU A 12 0.05 1.42 0.45
C LEU A 12 1.05 0.35 0.01
N LEU A 13 2.05 0.10 0.84
CA LEU A 13 3.08 -0.88 0.55
C LEU A 13 2.50 -2.27 0.26
N LYS A 14 1.51 -2.69 1.04
CA LYS A 14 0.93 -4.01 0.83
C LYS A 14 0.08 -4.05 -0.44
N GLN A 15 -0.63 -2.97 -0.73
CA GLN A 15 -1.49 -2.92 -1.91
C GLN A 15 -0.66 -2.69 -3.18
N LEU A 16 0.39 -1.89 -3.08
CA LEU A 16 1.25 -1.60 -4.23
C LEU A 16 1.53 -2.85 -5.06
N ARG A 17 1.96 -3.93 -4.40
CA ARG A 17 2.25 -5.16 -5.10
C ARG A 17 0.97 -5.76 -5.70
N ILE A 18 -0.11 -5.71 -4.92
CA ILE A 18 -1.40 -6.23 -5.38
C ILE A 18 -1.77 -5.62 -6.72
N MET A 19 -1.32 -4.39 -6.94
CA MET A 19 -1.59 -3.68 -8.19
C MET A 19 -1.25 -4.55 -9.41
N ARG A 20 -0.40 -5.55 -9.21
CA ARG A 20 -0.01 -6.43 -10.31
C ARG A 20 0.42 -7.81 -9.80
N LEU A 21 -0.25 -8.29 -8.77
CA LEU A 21 0.06 -9.61 -8.23
C LEU A 21 -0.64 -10.69 -9.06
N LEU A 22 -1.82 -10.35 -9.58
CA LEU A 22 -2.61 -11.29 -10.38
C LEU A 22 -2.85 -12.56 -9.58
N THR A 23 -2.66 -12.46 -8.27
CA THR A 23 -2.86 -13.58 -7.37
C THR A 23 -4.34 -13.71 -7.03
N ARG A 24 -4.69 -13.64 -5.74
CA ARG A 24 -6.08 -13.75 -5.33
C ARG A 24 -6.25 -13.39 -3.86
N LEU A 25 -5.48 -12.40 -3.42
CA LEU A 25 -5.54 -11.94 -2.03
C LEU A 25 -5.29 -13.09 -1.05
N HIS A 1 -2.76 16.99 14.07
CA HIS A 1 -2.27 16.77 12.68
C HIS A 1 -1.75 15.34 12.52
N VAL A 2 -2.62 14.36 12.67
CA VAL A 2 -2.23 12.97 12.50
C VAL A 2 -1.72 12.76 11.08
N ASP A 3 -0.42 12.57 10.92
CA ASP A 3 0.15 12.37 9.60
C ASP A 3 -0.55 11.21 8.92
N LYS A 4 -1.05 11.45 7.72
CA LYS A 4 -1.75 10.42 6.96
C LYS A 4 -0.94 9.14 6.88
N LYS A 5 0.36 9.29 6.63
CA LYS A 5 1.25 8.15 6.54
C LYS A 5 1.15 7.26 7.77
N VAL A 6 0.83 7.87 8.92
CA VAL A 6 0.72 7.11 10.16
C VAL A 6 -0.14 5.87 9.97
N ALA A 7 0.51 4.72 9.92
CA ALA A 7 -0.15 3.44 9.74
C ALA A 7 -0.66 3.27 8.31
N ASP A 8 -1.42 4.23 7.83
CA ASP A 8 -1.96 4.17 6.48
C ASP A 8 -0.84 3.83 5.50
N LYS A 9 0.31 4.49 5.68
CA LYS A 9 1.46 4.25 4.82
C LYS A 9 1.71 2.75 4.70
N VAL A 10 1.56 2.04 5.81
CA VAL A 10 1.74 0.61 5.83
C VAL A 10 0.77 -0.05 4.86
N LEU A 11 -0.45 0.47 4.85
CA LEU A 11 -1.47 -0.05 3.95
C LEU A 11 -1.09 0.24 2.51
N LEU A 12 -0.60 1.46 2.27
CA LEU A 12 -0.18 1.86 0.92
C LEU A 12 0.90 0.92 0.40
N LEU A 13 1.97 0.77 1.17
CA LEU A 13 3.08 -0.10 0.76
C LEU A 13 2.62 -1.54 0.71
N LYS A 14 1.83 -1.97 1.68
CA LYS A 14 1.34 -3.34 1.72
C LYS A 14 0.42 -3.60 0.54
N GLN A 15 -0.37 -2.59 0.19
CA GLN A 15 -1.30 -2.69 -0.92
C GLN A 15 -0.55 -2.60 -2.24
N LEU A 16 0.59 -1.91 -2.22
CA LEU A 16 1.40 -1.73 -3.41
C LEU A 16 1.43 -3.01 -4.26
N ARG A 17 1.81 -4.13 -3.64
CA ARG A 17 1.85 -5.40 -4.36
C ARG A 17 0.49 -5.71 -4.99
N ILE A 18 -0.58 -5.45 -4.24
CA ILE A 18 -1.92 -5.70 -4.73
C ILE A 18 -2.17 -4.95 -6.03
N MET A 19 -1.51 -3.79 -6.17
CA MET A 19 -1.66 -2.97 -7.36
C MET A 19 -1.27 -3.72 -8.62
N ARG A 20 -0.24 -4.56 -8.53
CA ARG A 20 0.24 -5.31 -9.68
C ARG A 20 1.26 -6.36 -9.25
N LEU A 21 0.92 -7.14 -8.23
CA LEU A 21 1.82 -8.16 -7.72
C LEU A 21 2.48 -8.94 -8.85
N LEU A 22 1.71 -9.23 -9.89
CA LEU A 22 2.20 -9.96 -11.05
C LEU A 22 1.19 -9.91 -12.18
N THR A 23 1.56 -9.23 -13.26
CA THR A 23 0.71 -9.09 -14.43
C THR A 23 1.54 -8.61 -15.60
N ARG A 24 2.38 -7.60 -15.36
CA ARG A 24 3.25 -7.05 -16.38
C ARG A 24 4.38 -8.04 -16.69
N LEU A 25 4.66 -8.21 -17.98
CA LEU A 25 5.72 -9.11 -18.42
C LEU A 25 5.94 -8.95 -19.92
N HIS A 1 7.68 10.78 11.70
CA HIS A 1 7.98 9.89 10.54
C HIS A 1 7.28 8.55 10.69
N VAL A 2 6.01 8.62 11.07
CA VAL A 2 5.15 7.45 11.27
C VAL A 2 3.86 7.93 11.92
N ASP A 3 4.03 8.93 12.76
CA ASP A 3 2.95 9.58 13.48
C ASP A 3 1.91 10.16 12.55
N LYS A 4 2.31 10.46 11.32
CA LYS A 4 1.41 11.05 10.34
C LYS A 4 1.77 10.63 8.93
N LYS A 5 0.75 10.43 8.09
CA LYS A 5 0.95 10.04 6.71
C LYS A 5 1.75 8.75 6.61
N VAL A 6 1.44 7.81 7.50
CA VAL A 6 2.11 6.51 7.52
C VAL A 6 1.13 5.43 7.97
N ALA A 7 0.05 5.32 7.22
CA ALA A 7 -0.99 4.33 7.48
C ALA A 7 -1.55 3.83 6.16
N ASP A 8 -1.91 4.79 5.31
CA ASP A 8 -2.41 4.47 3.99
C ASP A 8 -1.34 3.68 3.25
N LYS A 9 -0.11 4.19 3.30
CA LYS A 9 1.03 3.54 2.68
C LYS A 9 1.25 2.17 3.30
N VAL A 10 1.19 2.10 4.62
CA VAL A 10 1.38 0.86 5.35
C VAL A 10 0.42 -0.20 4.82
N LEU A 11 -0.80 0.22 4.52
CA LEU A 11 -1.80 -0.67 3.98
C LEU A 11 -1.53 -0.94 2.50
N LEU A 12 -1.17 0.13 1.81
CA LEU A 12 -0.88 0.09 0.38
C LEU A 12 0.22 -0.91 0.05
N LEU A 13 1.31 -0.87 0.80
CA LEU A 13 2.45 -1.75 0.54
C LEU A 13 2.05 -3.22 0.63
N LYS A 14 1.22 -3.59 1.59
CA LYS A 14 0.81 -4.98 1.75
C LYS A 14 -0.34 -5.35 0.81
N GLN A 15 -0.32 -4.78 -0.39
CA GLN A 15 -1.35 -5.07 -1.38
C GLN A 15 -0.94 -4.54 -2.75
N LEU A 16 -0.64 -3.24 -2.82
CA LEU A 16 -0.23 -2.63 -4.07
C LEU A 16 0.84 -3.46 -4.74
N ARG A 17 1.89 -3.79 -3.99
CA ARG A 17 2.97 -4.60 -4.52
C ARG A 17 2.40 -5.85 -5.19
N ILE A 18 1.37 -6.42 -4.58
CA ILE A 18 0.70 -7.60 -5.10
C ILE A 18 -0.12 -7.26 -6.35
N MET A 19 -0.92 -6.20 -6.25
CA MET A 19 -1.75 -5.78 -7.37
C MET A 19 -0.91 -5.56 -8.61
N ARG A 20 0.36 -5.22 -8.42
CA ARG A 20 1.26 -5.02 -9.55
C ARG A 20 1.13 -6.22 -10.48
N LEU A 21 1.06 -7.40 -9.88
CA LEU A 21 0.89 -8.63 -10.63
C LEU A 21 -0.60 -8.91 -10.79
N LEU A 22 -1.30 -8.95 -9.65
CA LEU A 22 -2.74 -9.19 -9.63
C LEU A 22 -3.49 -7.91 -10.00
N THR A 23 -3.01 -7.22 -11.03
CA THR A 23 -3.61 -5.98 -11.49
C THR A 23 -5.09 -6.18 -11.78
N ARG A 24 -5.42 -7.39 -12.23
CA ARG A 24 -6.78 -7.75 -12.55
C ARG A 24 -6.96 -9.26 -12.43
N LEU A 25 -6.03 -9.99 -13.02
CA LEU A 25 -6.05 -11.45 -13.01
C LEU A 25 -7.27 -11.96 -13.78
N HIS A 1 2.62 9.12 16.33
CA HIS A 1 2.07 8.66 15.03
C HIS A 1 0.69 9.27 14.79
N VAL A 2 0.56 10.56 15.08
CA VAL A 2 -0.70 11.27 14.89
C VAL A 2 -1.02 11.43 13.41
N ASP A 3 0.01 11.71 12.61
CA ASP A 3 -0.14 11.88 11.18
C ASP A 3 -0.68 10.62 10.53
N LYS A 4 -1.73 10.76 9.73
CA LYS A 4 -2.34 9.64 9.04
C LYS A 4 -1.33 8.93 8.14
N LYS A 5 -0.36 9.70 7.65
CA LYS A 5 0.66 9.16 6.77
C LYS A 5 1.47 8.07 7.46
N VAL A 6 1.47 8.10 8.79
CA VAL A 6 2.21 7.11 9.58
C VAL A 6 1.49 5.76 9.54
N ALA A 7 0.89 5.44 8.40
CA ALA A 7 0.17 4.19 8.23
C ALA A 7 -0.20 3.95 6.78
N ASP A 8 -0.69 4.99 6.10
CA ASP A 8 -1.09 4.87 4.70
C ASP A 8 0.05 4.26 3.87
N LYS A 9 1.27 4.70 4.15
CA LYS A 9 2.45 4.18 3.45
C LYS A 9 2.64 2.71 3.78
N VAL A 10 2.56 2.40 5.07
CA VAL A 10 2.71 1.02 5.53
C VAL A 10 1.65 0.14 4.87
N LEU A 11 0.44 0.67 4.79
CA LEU A 11 -0.67 -0.05 4.19
C LEU A 11 -0.38 -0.34 2.72
N LEU A 12 -0.15 0.72 1.94
CA LEU A 12 0.15 0.54 0.53
C LEU A 12 1.36 -0.37 0.36
N LEU A 13 2.35 -0.22 1.24
CA LEU A 13 3.54 -1.07 1.19
C LEU A 13 3.16 -2.53 1.40
N LYS A 14 2.15 -2.75 2.23
CA LYS A 14 1.69 -4.11 2.52
C LYS A 14 0.90 -4.66 1.33
N GLN A 15 -0.10 -3.93 0.91
CA GLN A 15 -0.93 -4.34 -0.22
C GLN A 15 -0.17 -4.20 -1.53
N LEU A 16 1.00 -3.57 -1.47
CA LEU A 16 1.83 -3.37 -2.67
C LEU A 16 1.86 -4.64 -3.51
N ARG A 17 2.16 -5.77 -2.86
CA ARG A 17 2.21 -7.05 -3.56
C ARG A 17 0.92 -7.25 -4.35
N ILE A 18 -0.19 -6.87 -3.74
CA ILE A 18 -1.49 -6.97 -4.39
C ILE A 18 -1.57 -5.98 -5.54
N MET A 19 -1.08 -4.77 -5.30
CA MET A 19 -1.06 -3.73 -6.33
C MET A 19 -0.32 -4.25 -7.56
N ARG A 20 0.69 -5.06 -7.31
CA ARG A 20 1.48 -5.65 -8.37
C ARG A 20 1.15 -7.12 -8.53
N LEU A 21 -0.10 -7.46 -8.26
CA LEU A 21 -0.58 -8.83 -8.38
C LEU A 21 -0.28 -9.35 -9.79
N LEU A 22 -0.48 -8.48 -10.76
CA LEU A 22 -0.23 -8.77 -12.18
C LEU A 22 -0.24 -7.47 -12.97
N THR A 23 -1.37 -6.79 -12.91
CA THR A 23 -1.56 -5.52 -13.59
C THR A 23 -2.93 -4.95 -13.25
N ARG A 24 -2.97 -3.65 -12.94
CA ARG A 24 -4.23 -2.99 -12.58
C ARG A 24 -4.01 -1.49 -12.40
N LEU A 25 -3.24 -0.88 -13.29
CA LEU A 25 -2.98 0.55 -13.25
C LEU A 25 -2.13 0.97 -14.45
N HIS A 1 -1.19 -2.03 14.32
CA HIS A 1 -0.37 -0.80 14.20
C HIS A 1 -0.71 -0.05 12.92
N VAL A 2 -0.85 -0.78 11.82
CA VAL A 2 -1.17 -0.17 10.54
C VAL A 2 -2.59 0.37 10.49
N ASP A 3 -2.72 1.67 10.27
CA ASP A 3 -4.01 2.34 10.18
C ASP A 3 -3.79 3.83 9.93
N LYS A 4 -4.80 4.50 9.39
CA LYS A 4 -4.69 5.93 9.11
C LYS A 4 -3.51 6.17 8.17
N LYS A 5 -2.70 7.19 8.48
CA LYS A 5 -1.54 7.51 7.68
C LYS A 5 -0.56 6.35 7.71
N VAL A 6 -0.39 5.78 8.91
CA VAL A 6 0.49 4.64 9.11
C VAL A 6 -0.15 3.37 8.57
N ALA A 7 -0.53 3.43 7.31
CA ALA A 7 -1.18 2.34 6.61
C ALA A 7 -1.33 2.77 5.17
N ASP A 8 -1.79 4.00 5.00
CA ASP A 8 -1.93 4.59 3.68
C ASP A 8 -0.52 4.88 3.17
N LYS A 9 0.21 5.66 3.96
CA LYS A 9 1.60 5.99 3.65
C LYS A 9 2.49 4.82 4.05
N VAL A 10 2.02 3.62 3.75
CA VAL A 10 2.73 2.40 4.07
C VAL A 10 2.40 1.33 3.04
N LEU A 11 1.11 1.13 2.84
CA LEU A 11 0.65 0.15 1.85
C LEU A 11 1.29 0.46 0.51
N LEU A 12 1.29 1.73 0.15
CA LEU A 12 1.88 2.18 -1.11
C LEU A 12 3.39 1.92 -1.16
N LEU A 13 4.03 1.94 0.01
CA LEU A 13 5.46 1.70 0.08
C LEU A 13 5.79 0.33 -0.49
N LYS A 14 4.99 -0.66 -0.11
CA LYS A 14 5.18 -2.02 -0.58
C LYS A 14 4.40 -2.25 -1.87
N GLN A 15 3.12 -1.93 -1.84
CA GLN A 15 2.24 -2.09 -2.99
C GLN A 15 2.13 -3.54 -3.43
N LEU A 16 2.93 -4.41 -2.83
CA LEU A 16 2.90 -5.83 -3.17
C LEU A 16 1.47 -6.35 -3.23
N ARG A 17 0.66 -5.96 -2.26
CA ARG A 17 -0.75 -6.36 -2.20
C ARG A 17 -1.45 -6.06 -3.51
N ILE A 18 -1.07 -4.96 -4.13
CA ILE A 18 -1.65 -4.54 -5.40
C ILE A 18 -0.82 -5.06 -6.58
N MET A 19 0.49 -5.15 -6.37
CA MET A 19 1.42 -5.62 -7.40
C MET A 19 1.26 -7.12 -7.64
N ARG A 20 0.03 -7.60 -7.53
CA ARG A 20 -0.28 -9.00 -7.75
C ARG A 20 -1.59 -9.16 -8.51
N LEU A 21 -2.46 -8.14 -8.42
CA LEU A 21 -3.73 -8.16 -9.13
C LEU A 21 -3.50 -8.16 -10.63
N LEU A 22 -2.41 -7.54 -11.05
CA LEU A 22 -2.06 -7.46 -12.47
C LEU A 22 -0.55 -7.47 -12.65
N THR A 23 0.11 -8.39 -11.97
CA THR A 23 1.55 -8.53 -12.04
C THR A 23 1.99 -9.89 -11.52
N ARG A 24 2.22 -10.82 -12.43
CA ARG A 24 2.64 -12.16 -12.05
C ARG A 24 4.10 -12.14 -11.60
N LEU A 25 4.92 -11.42 -12.35
CA LEU A 25 6.34 -11.28 -12.04
C LEU A 25 6.97 -12.63 -11.72
N HIS A 1 5.75 6.18 16.34
CA HIS A 1 4.67 5.45 15.64
C HIS A 1 3.52 6.39 15.32
N VAL A 2 3.09 6.41 14.07
CA VAL A 2 2.00 7.29 13.63
C VAL A 2 2.44 8.74 13.65
N ASP A 3 2.14 9.46 12.57
CA ASP A 3 2.49 10.86 12.45
C ASP A 3 1.59 11.56 11.44
N LYS A 4 1.55 11.03 10.24
CA LYS A 4 0.71 11.60 9.18
C LYS A 4 0.40 10.53 8.14
N LYS A 5 -0.86 10.49 7.71
CA LYS A 5 -1.28 9.51 6.72
C LYS A 5 -0.90 8.10 7.18
N VAL A 6 -1.11 7.85 8.47
CA VAL A 6 -0.79 6.57 9.08
C VAL A 6 -1.76 5.47 8.65
N ALA A 7 -1.93 5.32 7.35
CA ALA A 7 -2.81 4.30 6.79
C ALA A 7 -2.43 4.06 5.35
N ASP A 8 -2.53 5.10 4.54
CA ASP A 8 -2.17 5.00 3.12
C ASP A 8 -0.78 4.37 2.99
N LYS A 9 0.18 4.92 3.72
CA LYS A 9 1.55 4.43 3.70
C LYS A 9 1.60 2.96 4.11
N VAL A 10 0.69 2.55 4.99
CA VAL A 10 0.65 1.17 5.44
C VAL A 10 0.51 0.23 4.25
N LEU A 11 -0.36 0.59 3.32
CA LEU A 11 -0.57 -0.22 2.13
C LEU A 11 0.72 -0.28 1.31
N LEU A 12 1.41 0.86 1.27
CA LEU A 12 2.66 0.98 0.54
C LEU A 12 3.71 0.01 1.09
N LEU A 13 3.49 -0.46 2.32
CA LEU A 13 4.41 -1.39 2.96
C LEU A 13 4.49 -2.72 2.22
N LYS A 14 3.45 -3.07 1.48
CA LYS A 14 3.46 -4.35 0.76
C LYS A 14 2.35 -4.45 -0.30
N GLN A 15 1.21 -3.84 -0.02
CA GLN A 15 0.07 -3.89 -0.94
C GLN A 15 0.50 -3.75 -2.40
N LEU A 16 1.63 -3.08 -2.64
CA LEU A 16 2.13 -2.91 -4.00
C LEU A 16 2.10 -4.23 -4.75
N ARG A 17 2.50 -5.30 -4.09
CA ARG A 17 2.49 -6.61 -4.72
C ARG A 17 1.05 -7.01 -5.05
N ILE A 18 0.15 -6.73 -4.11
CA ILE A 18 -1.26 -7.06 -4.29
C ILE A 18 -1.80 -6.42 -5.55
N MET A 19 -1.62 -5.10 -5.68
CA MET A 19 -2.10 -4.40 -6.86
C MET A 19 -1.52 -5.01 -8.13
N ARG A 20 -0.24 -5.37 -8.07
CA ARG A 20 0.42 -5.99 -9.21
C ARG A 20 -0.26 -7.30 -9.55
N LEU A 21 -0.37 -8.18 -8.58
CA LEU A 21 -1.04 -9.46 -8.77
C LEU A 21 -2.55 -9.29 -8.70
N LEU A 22 -3.01 -8.12 -9.17
CA LEU A 22 -4.43 -7.81 -9.17
C LEU A 22 -4.69 -6.58 -10.04
N THR A 23 -4.13 -6.61 -11.24
CA THR A 23 -4.31 -5.52 -12.18
C THR A 23 -5.79 -5.36 -12.49
N ARG A 24 -6.45 -6.49 -12.69
CA ARG A 24 -7.88 -6.53 -12.99
C ARG A 24 -8.16 -6.02 -14.39
N LEU A 25 -7.44 -4.98 -14.81
CA LEU A 25 -7.60 -4.39 -16.13
C LEU A 25 -9.09 -4.10 -16.41
#